data_8GDC
#
_entry.id   8GDC
#
loop_
_entity.id
_entity.type
_entity.pdbx_description
1 polymer 'Guanine nucleotide-binding protein G(i) subunit alpha-1'
2 polymer 'Guanine nucleotide-binding protein G(I)/G(S)/G(T) subunit beta-1'
3 polymer 'Guanine nucleotide-binding protein subunit gamma'
4 polymer 'Prostaglandin E2 receptor EP3 subtype'
5 non-polymer '(Z)-7-[(1R,2R,3R)-3-hydroxy-2-[(E,3S)-3-hydroxyoct-1-enyl]-5-oxo-cyclopentyl]hept-5-enoic acid'
#
loop_
_entity_poly.entity_id
_entity_poly.type
_entity_poly.pdbx_seq_one_letter_code
_entity_poly.pdbx_strand_id
1 'polypeptide(L)'
;MGCTLSAEDKAAVERSKMIDRNLREDGEKAAREVKLLLLGAGESGKSTIVKQMKIIHEAGYSEEECKQYKAVVYSNTIQS
IIAIIRAMGRLKIDFGDSARADDARQLFVLAGAAEEGFMTAELAGVIKRLWKDSGVQACFNRSREYQLNDSAAYYLNDLD
RIAQPNYIPTQQDVLRTRVKTTGIVETHFTFKDLHFKMFDVGAQRSERKKWIHCFEGVTAIIFCVALSDYDLVLAEDEEM
NRMHESMKLFDSICNNKWFTDTSIILFLNKKDLFEEKIKKSPLTICYPEYAGSNTYEEAAAYIQCQFEDLNKRKDTKEIY
THFTCSTDTKNVQFVFDAVTDVIIKNNLKDCGLF
;
A
2 'polypeptide(L)'
;MHHHHHHLEVLFQGPGSSGSELDQLRQEAEQLKNQIRDARKACADATLSQITNNIDPVGRIQMRTRRTLRGHLAKIYAMH
WGTDSRLLVSASQDGKLIIWDSYTTNKVHAIPLRSSWVMTCAYAPSGNYVACGGLDNICSIYNLKTREGNVRVSRELAGH
TGYLSCCRFLDDNQIVTSSGDTTCALWDIETGQQTTTFTGHTGDVMSLSLAPDTRLFVSGACDASAKLWDVREGMCRQTF
TGHESDINAICFFPNGNAFATGSDDATCRLFDLRADQELMTYSHDNIICGITSVSFSKSGRLLLAGYDDFNCNVWDALKA
DRAGVLAGHDNRVSCLGVTDDGMAVATGSWDSFLKIWN
;
B
3 'polypeptide(L)'
;MWRELPLGLGELHKDHQASRKLEPELWSVSENPPSTSMASNNTASIAQARKLVEQLKMEANIDRIKVSKAAADLMAYCEA
HAKEDPLLTPVPASENPFREKKFFCAIL
;
C
4 'polypeptide(L)'
;MKETRGYGGDAPFCTRLNHSYTGMWAPERSAEARGNLTRPPGSGEDCGSVSVAFPITMLLTGFVGNALAMLLVSRSYRRR
ESKRKKSFLLCIGWLALTDLVGQLLTTPVVIVVYLSKQRWEHIDPSGRLCTFFGLTMTVFGLSSLFIASAMAVERALAIR
APHWYASHMKTRATRAVLLGVWLAVLAFALLPVLGVGQYTVQWPGTWCFISTGRGGNGTSSSHNWGNLFFASAFAFLGLL
ALTVTFSCNLATIKALVSRCRAKATASQSSAQWGRITTETAIQLMGIMCVLSVCWSPLLIMMLKMIFNQTSVEHCKTHTE
KQKECNFFLIAVRLASLNQILDPWVYLLLRKILLRKFCQIRYHTNNYASSSTSLPCQCSSTLMWSDHLER
;
R
#
# COMPACT_ATOMS: atom_id res chain seq x y z
N LEU A 5 36.67 3.77 -2.85
CA LEU A 5 35.92 3.78 -4.10
C LEU A 5 36.72 3.13 -5.23
N SER A 6 37.13 1.89 -5.02
CA SER A 6 37.90 1.15 -6.01
C SER A 6 36.96 0.59 -7.08
N ALA A 7 37.47 -0.34 -7.89
CA ALA A 7 36.63 -1.00 -8.88
C ALA A 7 35.60 -1.93 -8.24
N GLU A 8 35.87 -2.39 -7.00
CA GLU A 8 34.95 -3.29 -6.31
C GLU A 8 33.62 -2.61 -6.05
N ASP A 9 33.65 -1.35 -5.61
CA ASP A 9 32.42 -0.63 -5.32
C ASP A 9 31.60 -0.38 -6.58
N LYS A 10 32.28 -0.05 -7.69
CA LYS A 10 31.56 0.18 -8.94
C LYS A 10 30.96 -1.11 -9.48
N ALA A 11 31.68 -2.23 -9.32
CA ALA A 11 31.11 -3.53 -9.71
C ALA A 11 29.90 -3.88 -8.84
N ALA A 12 29.98 -3.58 -7.55
CA ALA A 12 28.86 -3.84 -6.64
C ALA A 12 27.64 -3.01 -7.00
N VAL A 13 27.84 -1.73 -7.32
CA VAL A 13 26.71 -0.88 -7.66
C VAL A 13 26.12 -1.25 -9.02
N GLU A 14 26.95 -1.71 -9.97
CA GLU A 14 26.36 -2.19 -11.22
C GLU A 14 25.58 -3.49 -11.02
N ARG A 15 26.04 -4.36 -10.12
CA ARG A 15 25.26 -5.54 -9.76
C ARG A 15 23.94 -5.15 -9.11
N SER A 16 23.97 -4.14 -8.23
CA SER A 16 22.76 -3.65 -7.59
C SER A 16 21.77 -3.11 -8.60
N LYS A 17 22.26 -2.40 -9.62
CA LYS A 17 21.34 -1.85 -10.61
C LYS A 17 20.77 -2.94 -11.51
N MET A 18 21.54 -3.99 -11.81
CA MET A 18 20.97 -5.12 -12.54
C MET A 18 19.91 -5.83 -11.72
N ILE A 19 20.14 -5.98 -10.42
CA ILE A 19 19.16 -6.58 -9.53
C ILE A 19 17.88 -5.75 -9.48
N ASP A 20 18.01 -4.42 -9.41
CA ASP A 20 16.80 -3.59 -9.39
C ASP A 20 16.07 -3.59 -10.72
N ARG A 21 16.77 -3.69 -11.84
CA ARG A 21 16.07 -3.82 -13.12
C ARG A 21 15.27 -5.11 -13.18
N ASN A 22 15.87 -6.22 -12.75
CA ASN A 22 15.12 -7.49 -12.73
C ASN A 22 13.97 -7.45 -11.73
N LEU A 23 14.18 -6.82 -10.57
CA LEU A 23 13.15 -6.74 -9.55
C LEU A 23 11.95 -5.94 -10.02
N ARG A 24 12.21 -4.78 -10.64
CA ARG A 24 11.10 -3.95 -11.12
C ARG A 24 10.42 -4.58 -12.33
N GLU A 25 11.16 -5.30 -13.18
CA GLU A 25 10.53 -6.01 -14.28
C GLU A 25 9.60 -7.11 -13.79
N ASP A 26 10.03 -7.89 -12.79
CA ASP A 26 9.18 -8.93 -12.24
C ASP A 26 7.99 -8.35 -11.49
N GLY A 27 8.18 -7.21 -10.82
CA GLY A 27 7.07 -6.57 -10.15
C GLY A 27 6.01 -6.06 -11.11
N GLU A 28 6.42 -5.65 -12.27
CA GLU A 28 5.46 -5.06 -13.15
C GLU A 28 4.78 -6.21 -13.79
N LYS A 29 5.51 -7.28 -14.03
CA LYS A 29 4.85 -8.47 -14.57
C LYS A 29 3.82 -9.02 -13.59
N ALA A 30 4.03 -8.84 -12.29
CA ALA A 30 3.11 -9.40 -11.29
C ALA A 30 1.76 -8.70 -11.31
N ALA A 31 1.74 -7.38 -11.51
CA ALA A 31 0.53 -6.61 -11.27
C ALA A 31 -0.51 -6.72 -12.38
N ARG A 32 -0.18 -7.32 -13.51
CA ARG A 32 -1.20 -7.64 -14.52
C ARG A 32 -1.72 -9.08 -14.36
N GLU A 33 -2.02 -9.42 -13.11
CA GLU A 33 -2.60 -10.71 -12.74
C GLU A 33 -3.60 -10.49 -11.62
N VAL A 34 -4.79 -11.04 -11.78
CA VAL A 34 -5.86 -10.84 -10.81
C VAL A 34 -5.88 -11.87 -9.69
N LYS A 35 -5.26 -11.50 -8.56
CA LYS A 35 -5.26 -12.39 -7.41
C LYS A 35 -6.70 -12.50 -6.93
N LEU A 36 -7.12 -13.70 -6.57
CA LEU A 36 -8.48 -13.93 -6.11
C LEU A 36 -8.57 -15.00 -5.05
N LEU A 37 -9.24 -14.72 -3.94
CA LEU A 37 -9.43 -15.71 -2.91
C LEU A 37 -10.55 -16.69 -3.31
N LEU A 38 -10.57 -17.79 -2.60
CA LEU A 38 -11.59 -18.77 -2.79
C LEU A 38 -12.01 -19.26 -1.43
N LEU A 39 -12.75 -18.41 -0.72
CA LEU A 39 -13.30 -18.74 0.60
C LEU A 39 -14.49 -19.69 0.42
N GLY A 40 -14.86 -20.41 1.48
CA GLY A 40 -15.93 -21.37 1.37
C GLY A 40 -16.22 -22.01 2.70
N ALA A 41 -17.16 -22.95 2.69
CA ALA A 41 -17.55 -23.64 3.91
C ALA A 41 -17.12 -25.10 3.88
N GLY A 45 -19.24 -26.76 -2.00
CA GLY A 45 -18.70 -27.56 -3.07
C GLY A 45 -17.59 -26.88 -3.86
N LYS A 46 -16.51 -26.52 -3.16
CA LYS A 46 -15.41 -25.82 -3.80
C LYS A 46 -14.66 -26.68 -4.80
N SER A 47 -14.61 -28.00 -4.56
CA SER A 47 -13.86 -28.90 -5.44
C SER A 47 -14.47 -28.95 -6.83
N THR A 48 -15.81 -28.99 -6.91
CA THR A 48 -16.47 -28.98 -8.20
C THR A 48 -16.21 -27.68 -8.95
N ILE A 49 -16.23 -26.55 -8.23
CA ILE A 49 -16.01 -25.25 -8.84
C ILE A 49 -14.59 -25.13 -9.40
N VAL A 50 -13.59 -25.52 -8.60
CA VAL A 50 -12.21 -25.42 -9.07
C VAL A 50 -11.93 -26.47 -10.14
N LYS A 51 -12.68 -27.57 -10.17
CA LYS A 51 -12.52 -28.54 -11.25
C LYS A 51 -13.06 -27.99 -12.57
N GLN A 52 -14.22 -27.36 -12.54
CA GLN A 52 -14.85 -26.91 -13.77
C GLN A 52 -14.40 -25.50 -14.19
N MET A 53 -13.55 -24.84 -13.39
CA MET A 53 -12.98 -23.57 -13.82
C MET A 53 -11.52 -23.65 -14.24
N THR A 182 0.24 -30.18 1.95
CA THR A 182 -0.82 -29.38 2.54
C THR A 182 -0.48 -27.89 2.43
N GLY A 183 -1.24 -27.05 3.11
CA GLY A 183 -1.07 -25.61 2.99
C GLY A 183 -2.15 -24.99 2.14
N ILE A 184 -1.79 -24.04 1.28
CA ILE A 184 -2.73 -23.48 0.33
C ILE A 184 -2.30 -23.88 -1.07
N VAL A 185 -3.26 -23.90 -1.98
CA VAL A 185 -3.02 -24.27 -3.38
C VAL A 185 -3.38 -23.08 -4.24
N GLU A 186 -2.55 -22.78 -5.24
CA GLU A 186 -2.83 -21.71 -6.18
C GLU A 186 -3.12 -22.32 -7.54
N THR A 187 -4.29 -22.01 -8.10
CA THR A 187 -4.67 -22.49 -9.42
C THR A 187 -4.61 -21.32 -10.40
N HIS A 188 -3.94 -21.53 -11.52
CA HIS A 188 -3.66 -20.49 -12.51
C HIS A 188 -4.36 -20.87 -13.80
N PHE A 189 -5.18 -19.96 -14.33
CA PHE A 189 -5.88 -20.28 -15.57
C PHE A 189 -6.17 -19.02 -16.37
N THR A 190 -6.22 -19.09 -17.69
CA THR A 190 -6.37 -17.86 -18.44
C THR A 190 -7.64 -17.73 -19.20
N PHE A 191 -8.29 -16.59 -19.11
CA PHE A 191 -9.47 -16.45 -19.92
C PHE A 191 -9.47 -15.19 -20.75
N LYS A 192 -9.56 -15.35 -22.08
CA LYS A 192 -9.63 -14.22 -22.98
C LYS A 192 -8.55 -13.21 -22.71
N ASP A 193 -7.30 -13.63 -22.73
CA ASP A 193 -6.16 -12.78 -22.49
C ASP A 193 -6.19 -12.04 -21.19
N LEU A 194 -6.43 -12.82 -20.12
CA LEU A 194 -6.45 -12.28 -18.76
C LEU A 194 -6.30 -13.49 -17.81
N HIS A 195 -5.07 -13.87 -17.48
CA HIS A 195 -4.82 -15.02 -16.61
C HIS A 195 -4.69 -14.53 -15.18
N PHE A 196 -5.46 -15.14 -14.29
CA PHE A 196 -5.43 -14.77 -12.88
C PHE A 196 -5.35 -16.01 -12.01
N LYS A 197 -4.66 -15.90 -10.88
CA LYS A 197 -4.53 -17.01 -9.96
C LYS A 197 -5.75 -17.11 -9.06
N MET A 198 -5.82 -18.17 -8.26
CA MET A 198 -6.98 -18.37 -7.40
C MET A 198 -6.57 -19.24 -6.22
N PHE A 199 -6.74 -18.72 -5.01
CA PHE A 199 -6.06 -19.19 -3.80
C PHE A 199 -7.02 -19.98 -2.91
N ASP A 200 -7.25 -21.25 -3.22
CA ASP A 200 -8.29 -21.98 -2.47
C ASP A 200 -7.79 -22.42 -1.10
N VAL A 201 -7.75 -21.45 -0.19
CA VAL A 201 -7.40 -21.71 1.19
C VAL A 201 -8.52 -22.51 1.85
N GLY A 202 -8.16 -23.24 2.91
CA GLY A 202 -9.14 -24.03 3.64
C GLY A 202 -8.55 -25.31 4.19
N ALA A 203 -7.35 -25.65 3.74
CA ALA A 203 -6.65 -26.77 4.33
C ALA A 203 -5.95 -26.47 5.63
N GLN A 204 -5.83 -25.19 6.01
CA GLN A 204 -5.08 -24.84 7.23
C GLN A 204 -5.89 -25.10 8.50
N ARG A 205 -7.07 -24.49 8.63
CA ARG A 205 -7.97 -24.68 9.77
C ARG A 205 -7.26 -24.44 11.10
N SER A 206 -6.56 -23.31 11.21
CA SER A 206 -5.84 -22.96 12.42
C SER A 206 -6.48 -21.80 13.16
N GLU A 207 -6.60 -20.65 12.51
CA GLU A 207 -7.34 -19.49 13.01
C GLU A 207 -7.51 -18.50 11.86
N ARG A 208 -8.69 -17.91 11.74
CA ARG A 208 -8.89 -16.92 10.70
C ARG A 208 -8.39 -15.54 11.12
N LYS A 209 -8.14 -15.33 12.40
CA LYS A 209 -7.81 -13.99 12.85
C LYS A 209 -6.35 -13.61 12.61
N LYS A 210 -5.48 -14.58 12.31
CA LYS A 210 -4.05 -14.31 12.31
C LYS A 210 -3.41 -14.26 10.92
N TRP A 211 -3.97 -14.92 9.92
CA TRP A 211 -3.38 -14.88 8.59
C TRP A 211 -4.32 -14.28 7.55
N ILE A 212 -5.47 -13.74 7.94
CA ILE A 212 -6.35 -13.15 6.93
C ILE A 212 -5.91 -11.75 6.55
N HIS A 213 -5.03 -11.12 7.32
CA HIS A 213 -4.60 -9.78 6.95
C HIS A 213 -3.46 -9.79 5.95
N CYS A 214 -2.98 -10.95 5.53
CA CYS A 214 -2.06 -11.01 4.41
C CYS A 214 -2.80 -11.07 3.10
N PHE A 215 -4.13 -11.05 3.13
CA PHE A 215 -4.97 -11.16 1.95
C PHE A 215 -5.69 -9.86 1.64
N GLU A 216 -5.18 -8.73 2.15
CA GLU A 216 -5.92 -7.47 2.04
C GLU A 216 -5.97 -6.98 0.60
N GLY A 217 -4.86 -7.04 -0.11
CA GLY A 217 -4.88 -6.61 -1.49
C GLY A 217 -5.28 -7.74 -2.42
N VAL A 218 -6.56 -7.77 -2.78
CA VAL A 218 -7.11 -8.86 -3.58
C VAL A 218 -8.31 -8.28 -4.31
N THR A 219 -8.62 -8.84 -5.49
CA THR A 219 -9.68 -8.26 -6.30
C THR A 219 -11.06 -8.72 -5.84
N ALA A 220 -11.28 -10.03 -5.78
CA ALA A 220 -12.59 -10.57 -5.46
C ALA A 220 -12.49 -11.63 -4.38
N ILE A 221 -13.61 -12.28 -4.05
CA ILE A 221 -13.66 -13.41 -3.14
C ILE A 221 -14.67 -14.39 -3.70
N ILE A 222 -14.25 -15.48 -4.35
CA ILE A 222 -15.28 -16.35 -4.89
C ILE A 222 -15.82 -17.22 -3.76
N PHE A 223 -16.81 -16.71 -3.07
CA PHE A 223 -17.46 -17.45 -1.99
C PHE A 223 -18.34 -18.51 -2.63
N CYS A 224 -18.46 -19.67 -1.99
CA CYS A 224 -19.22 -20.76 -2.59
C CYS A 224 -20.04 -21.49 -1.56
N VAL A 225 -21.35 -21.60 -1.78
CA VAL A 225 -22.24 -22.34 -0.89
C VAL A 225 -23.19 -23.18 -1.73
N ALA A 226 -23.23 -24.49 -1.47
CA ALA A 226 -24.27 -25.32 -2.02
C ALA A 226 -25.55 -25.12 -1.21
N LEU A 227 -26.65 -24.86 -1.89
CA LEU A 227 -27.91 -24.56 -1.23
C LEU A 227 -28.83 -25.77 -1.12
N SER A 228 -28.31 -26.97 -1.41
CA SER A 228 -29.04 -28.21 -1.20
C SER A 228 -28.80 -28.79 0.18
N ASP A 229 -28.51 -27.94 1.17
CA ASP A 229 -28.22 -28.37 2.52
C ASP A 229 -28.94 -27.48 3.53
N TYR A 230 -30.19 -27.12 3.23
CA TYR A 230 -30.93 -26.24 4.13
C TYR A 230 -31.32 -26.94 5.42
N ASP A 231 -31.46 -28.26 5.40
CA ASP A 231 -31.92 -29.04 6.53
C ASP A 231 -31.11 -30.32 6.66
N LEU A 232 -29.80 -30.17 6.54
CA LEU A 232 -28.92 -31.30 6.61
C LEU A 232 -28.00 -31.27 7.79
N VAL A 233 -28.56 -30.87 8.93
CA VAL A 233 -27.86 -30.83 10.22
C VAL A 233 -26.57 -30.04 10.27
N MET A 243 -26.69 -24.43 7.06
CA MET A 243 -26.88 -23.14 6.39
C MET A 243 -26.75 -21.98 7.36
N HIS A 244 -27.11 -22.18 8.64
CA HIS A 244 -26.89 -21.14 9.63
C HIS A 244 -25.41 -20.92 9.88
N GLU A 245 -24.62 -22.00 9.86
CA GLU A 245 -23.17 -21.86 9.99
C GLU A 245 -22.59 -21.12 8.79
N SER A 246 -23.10 -21.41 7.59
CA SER A 246 -22.65 -20.69 6.41
C SER A 246 -23.00 -19.21 6.47
N MET A 247 -24.21 -18.89 6.95
CA MET A 247 -24.61 -17.50 7.10
C MET A 247 -23.76 -16.78 8.14
N LYS A 248 -23.39 -17.50 9.21
CA LYS A 248 -22.48 -16.92 10.20
C LYS A 248 -21.11 -16.64 9.59
N LEU A 249 -20.61 -17.55 8.76
CA LEU A 249 -19.34 -17.33 8.09
C LEU A 249 -19.39 -16.13 7.16
N PHE A 250 -20.47 -16.00 6.38
CA PHE A 250 -20.61 -14.86 5.49
C PHE A 250 -20.73 -13.56 6.26
N ASP A 251 -21.42 -13.59 7.40
CA ASP A 251 -21.51 -12.39 8.24
C ASP A 251 -20.14 -12.00 8.75
N SER A 252 -19.32 -12.98 9.14
CA SER A 252 -17.99 -12.65 9.64
C SER A 252 -17.06 -12.18 8.53
N ILE A 253 -17.25 -12.63 7.31
CA ILE A 253 -16.34 -12.28 6.22
C ILE A 253 -16.72 -10.94 5.59
N CYS A 254 -18.00 -10.77 5.27
CA CYS A 254 -18.47 -9.57 4.55
C CYS A 254 -18.32 -8.30 5.37
N ASN A 255 -18.27 -8.40 6.70
CA ASN A 255 -18.16 -7.24 7.57
C ASN A 255 -16.74 -7.05 8.10
N ASN A 256 -15.77 -7.80 7.58
CA ASN A 256 -14.41 -7.75 8.10
C ASN A 256 -13.75 -6.42 7.79
N LYS A 257 -12.82 -6.01 8.65
CA LYS A 257 -12.24 -4.68 8.51
C LYS A 257 -11.17 -4.59 7.44
N TRP A 258 -10.67 -5.72 6.94
CA TRP A 258 -9.73 -5.69 5.83
C TRP A 258 -10.41 -5.78 4.47
N PHE A 259 -11.70 -6.03 4.43
CA PHE A 259 -12.40 -6.29 3.17
C PHE A 259 -13.58 -5.34 2.97
N THR A 260 -13.38 -4.05 3.22
CA THR A 260 -14.45 -3.09 2.98
C THR A 260 -14.48 -2.61 1.54
N ASP A 261 -13.59 -3.08 0.67
CA ASP A 261 -13.56 -2.65 -0.71
C ASP A 261 -13.58 -3.80 -1.70
N THR A 262 -13.63 -5.03 -1.24
CA THR A 262 -13.52 -6.20 -2.10
C THR A 262 -14.91 -6.72 -2.45
N SER A 263 -15.18 -6.85 -3.74
CA SER A 263 -16.51 -7.16 -4.23
C SER A 263 -16.72 -8.67 -4.15
N ILE A 264 -17.51 -9.10 -3.18
CA ILE A 264 -17.71 -10.51 -2.90
C ILE A 264 -18.55 -11.18 -3.97
N ILE A 265 -17.92 -11.87 -4.91
CA ILE A 265 -18.67 -12.76 -5.78
C ILE A 265 -19.24 -13.87 -4.90
N LEU A 266 -20.38 -14.42 -5.29
CA LEU A 266 -20.97 -15.53 -4.57
C LEU A 266 -21.47 -16.54 -5.58
N PHE A 267 -21.30 -17.82 -5.28
CA PHE A 267 -21.82 -18.88 -6.12
C PHE A 267 -22.72 -19.79 -5.28
N LEU A 268 -23.83 -20.22 -5.87
CA LEU A 268 -24.75 -21.16 -5.24
C LEU A 268 -24.74 -22.45 -6.04
N ASN A 269 -24.20 -23.52 -5.45
CA ASN A 269 -23.65 -24.62 -6.22
C ASN A 269 -24.68 -25.61 -6.75
N LYS A 270 -25.33 -26.35 -5.86
CA LYS A 270 -26.11 -27.52 -6.25
C LYS A 270 -27.57 -27.14 -6.36
N LYS A 271 -28.07 -27.02 -7.59
CA LYS A 271 -29.44 -26.60 -7.82
C LYS A 271 -30.37 -27.74 -8.22
N ASP A 272 -29.86 -28.76 -8.91
CA ASP A 272 -30.72 -29.90 -9.27
C ASP A 272 -31.13 -30.69 -8.04
N LEU A 273 -30.17 -30.95 -7.15
CA LEU A 273 -30.50 -31.61 -5.88
C LEU A 273 -31.44 -30.75 -5.05
N PHE A 274 -31.28 -29.42 -5.12
CA PHE A 274 -32.19 -28.52 -4.42
C PHE A 274 -33.62 -28.60 -4.96
N GLU A 275 -33.78 -28.65 -6.29
CA GLU A 275 -35.13 -28.68 -6.83
C GLU A 275 -35.79 -30.03 -6.62
N GLU A 276 -35.04 -31.14 -6.67
CA GLU A 276 -35.61 -32.43 -6.31
C GLU A 276 -36.00 -32.48 -4.85
N LYS A 277 -35.12 -32.00 -3.96
CA LYS A 277 -35.40 -32.01 -2.54
C LYS A 277 -36.47 -31.02 -2.12
N ILE A 278 -36.81 -30.04 -2.97
CA ILE A 278 -37.93 -29.16 -2.67
C ILE A 278 -39.24 -29.64 -3.29
N LYS A 279 -39.12 -30.49 -4.30
CA LYS A 279 -40.29 -31.10 -4.92
C LYS A 279 -40.76 -32.23 -4.01
N LYS A 280 -39.83 -32.83 -3.26
CA LYS A 280 -40.16 -33.92 -2.34
C LYS A 280 -40.56 -33.41 -0.96
N SER A 281 -39.85 -32.42 -0.42
CA SER A 281 -40.03 -31.99 0.95
C SER A 281 -39.95 -30.46 1.03
N PRO A 282 -40.64 -29.84 1.98
CA PRO A 282 -40.62 -28.38 2.08
C PRO A 282 -39.44 -27.85 2.89
N LEU A 283 -39.20 -26.54 2.73
CA LEU A 283 -38.14 -25.83 3.43
C LEU A 283 -38.66 -24.81 4.43
N THR A 284 -39.84 -25.03 4.99
CA THR A 284 -40.38 -24.16 6.03
C THR A 284 -39.87 -24.50 7.42
N ILE A 285 -38.71 -25.16 7.50
CA ILE A 285 -38.19 -25.66 8.78
C ILE A 285 -36.87 -25.01 9.17
N CYS A 286 -36.15 -24.39 8.23
CA CYS A 286 -34.95 -23.65 8.60
C CYS A 286 -35.29 -22.43 9.44
N TYR A 287 -36.24 -21.61 8.98
CA TYR A 287 -37.01 -20.77 9.87
C TYR A 287 -38.45 -21.28 9.91
N PRO A 288 -39.15 -21.10 11.03
CA PRO A 288 -40.61 -21.34 11.02
C PRO A 288 -41.38 -20.36 10.15
N GLU A 289 -40.78 -19.23 9.75
CA GLU A 289 -41.40 -18.24 8.88
C GLU A 289 -40.62 -18.04 7.59
N TYR A 290 -39.95 -19.09 7.11
CA TYR A 290 -38.98 -18.95 6.04
C TYR A 290 -39.64 -18.58 4.72
N ALA A 291 -40.48 -19.45 4.18
CA ALA A 291 -41.08 -19.22 2.88
C ALA A 291 -42.60 -19.21 2.98
N GLY A 292 -43.22 -18.43 2.11
CA GLY A 292 -44.67 -18.39 2.01
C GLY A 292 -45.17 -19.19 0.83
N SER A 293 -44.30 -20.05 0.30
CA SER A 293 -44.62 -20.88 -0.86
C SER A 293 -43.76 -22.14 -0.80
N ASN A 294 -43.90 -22.98 -1.82
CA ASN A 294 -43.07 -24.17 -1.91
C ASN A 294 -42.58 -24.46 -3.32
N THR A 295 -42.70 -23.52 -4.25
CA THR A 295 -42.16 -23.72 -5.58
C THR A 295 -40.67 -23.41 -5.59
N TYR A 296 -40.02 -23.79 -6.69
CA TYR A 296 -38.57 -23.66 -6.82
C TYR A 296 -38.12 -22.20 -6.80
N GLU A 297 -38.68 -21.38 -7.68
CA GLU A 297 -38.11 -20.06 -7.94
C GLU A 297 -38.30 -19.10 -6.77
N GLU A 298 -39.43 -19.21 -6.06
CA GLU A 298 -39.64 -18.38 -4.88
C GLU A 298 -38.64 -18.73 -3.77
N ALA A 299 -38.41 -20.03 -3.56
CA ALA A 299 -37.45 -20.46 -2.56
C ALA A 299 -36.04 -20.03 -2.91
N ALA A 300 -35.66 -20.17 -4.19
CA ALA A 300 -34.33 -19.77 -4.62
C ALA A 300 -34.11 -18.27 -4.47
N ALA A 301 -35.11 -17.47 -4.86
CA ALA A 301 -34.99 -16.02 -4.69
C ALA A 301 -34.98 -15.62 -3.22
N TYR A 302 -35.70 -16.36 -2.37
CA TYR A 302 -35.67 -16.04 -0.95
C TYR A 302 -34.31 -16.33 -0.34
N ILE A 303 -33.69 -17.46 -0.71
CA ILE A 303 -32.36 -17.79 -0.20
C ILE A 303 -31.32 -16.80 -0.71
N GLN A 304 -31.41 -16.41 -1.98
CA GLN A 304 -30.47 -15.45 -2.56
C GLN A 304 -30.59 -14.09 -1.89
N CYS A 305 -31.81 -13.60 -1.69
CA CYS A 305 -31.99 -12.35 -0.99
C CYS A 305 -31.70 -12.48 0.50
N GLN A 306 -31.66 -13.70 1.04
CA GLN A 306 -31.27 -13.88 2.42
C GLN A 306 -29.77 -13.76 2.60
N PHE A 307 -28.98 -14.31 1.67
CA PHE A 307 -27.53 -14.10 1.74
C PHE A 307 -27.13 -12.68 1.39
N GLU A 308 -27.79 -12.05 0.42
CA GLU A 308 -27.39 -10.69 0.09
C GLU A 308 -27.80 -9.66 1.12
N ASP A 309 -28.59 -10.04 2.13
CA ASP A 309 -29.04 -9.09 3.14
C ASP A 309 -27.98 -8.84 4.21
N LEU A 310 -27.05 -9.77 4.43
CA LEU A 310 -26.10 -9.63 5.54
C LEU A 310 -25.02 -8.59 5.29
N ASN A 311 -25.00 -7.94 4.13
CA ASN A 311 -24.03 -6.91 3.82
C ASN A 311 -24.30 -5.69 4.68
N LYS A 312 -23.62 -5.60 5.82
CA LYS A 312 -23.95 -4.59 6.82
C LYS A 312 -23.25 -3.28 6.52
N ARG A 313 -24.03 -2.23 6.29
CA ARG A 313 -23.58 -0.84 6.27
C ARG A 313 -22.53 -0.57 5.20
N LYS A 314 -22.62 -1.24 4.06
CA LYS A 314 -21.69 -1.01 2.96
C LYS A 314 -22.46 -0.67 1.69
N ASP A 315 -22.04 0.41 1.05
CA ASP A 315 -22.45 0.76 -0.31
C ASP A 315 -21.23 0.91 -1.21
N THR A 316 -20.17 0.17 -0.89
CA THR A 316 -18.93 0.17 -1.65
C THR A 316 -18.61 -1.18 -2.30
N LYS A 317 -19.23 -2.27 -1.85
CA LYS A 317 -19.03 -3.58 -2.43
C LYS A 317 -20.34 -4.11 -3.00
N GLU A 318 -20.23 -5.04 -3.95
CA GLU A 318 -21.38 -5.46 -4.74
C GLU A 318 -21.36 -6.97 -4.94
N ILE A 319 -22.22 -7.67 -4.21
CA ILE A 319 -22.35 -9.12 -4.34
C ILE A 319 -22.91 -9.46 -5.72
N TYR A 320 -22.25 -10.37 -6.42
CA TYR A 320 -22.69 -10.79 -7.74
C TYR A 320 -23.13 -12.25 -7.66
N THR A 321 -24.38 -12.47 -7.28
CA THR A 321 -24.86 -13.83 -7.04
C THR A 321 -25.08 -14.57 -8.36
N HIS A 322 -24.86 -15.88 -8.35
CA HIS A 322 -25.07 -16.72 -9.51
C HIS A 322 -25.64 -18.06 -9.01
N PHE A 323 -25.79 -19.03 -9.92
CA PHE A 323 -26.44 -20.29 -9.55
C PHE A 323 -25.74 -21.53 -10.10
N THR A 324 -24.56 -21.39 -10.72
CA THR A 324 -23.69 -22.48 -11.17
C THR A 324 -24.40 -23.42 -12.13
N CYS A 325 -24.76 -22.88 -13.28
CA CYS A 325 -25.24 -23.72 -14.37
C CYS A 325 -24.11 -24.61 -14.87
N THR A 329 -18.81 -23.39 -20.74
CA THR A 329 -18.38 -22.03 -21.05
C THR A 329 -18.88 -21.01 -20.05
N LYS A 330 -20.18 -21.01 -19.77
CA LYS A 330 -20.84 -19.90 -19.10
C LYS A 330 -20.84 -20.02 -17.58
N ASN A 331 -19.87 -20.71 -17.00
CA ASN A 331 -19.65 -20.70 -15.56
C ASN A 331 -18.42 -19.90 -15.18
N VAL A 332 -17.41 -19.86 -16.03
CA VAL A 332 -16.27 -18.96 -15.83
C VAL A 332 -16.52 -17.64 -16.55
N GLN A 333 -17.50 -17.58 -17.44
CA GLN A 333 -17.91 -16.32 -18.07
C GLN A 333 -18.39 -15.32 -17.03
N PHE A 334 -19.02 -15.79 -15.97
CA PHE A 334 -19.61 -14.87 -15.01
C PHE A 334 -18.55 -14.18 -14.16
N VAL A 335 -17.50 -14.89 -13.74
CA VAL A 335 -16.45 -14.22 -12.98
C VAL A 335 -15.65 -13.31 -13.88
N PHE A 336 -15.67 -13.60 -15.18
CA PHE A 336 -14.98 -12.76 -16.16
C PHE A 336 -15.74 -11.44 -16.31
N ASP A 337 -17.06 -11.52 -16.42
CA ASP A 337 -17.91 -10.35 -16.54
C ASP A 337 -18.19 -9.67 -15.22
N ALA A 338 -17.74 -10.24 -14.11
CA ALA A 338 -17.85 -9.56 -12.83
C ALA A 338 -16.49 -9.18 -12.24
N VAL A 339 -15.38 -9.46 -12.91
CA VAL A 339 -14.12 -8.87 -12.50
C VAL A 339 -13.79 -7.68 -13.40
N THR A 340 -14.36 -7.62 -14.61
CA THR A 340 -14.22 -6.45 -15.46
C THR A 340 -15.12 -5.31 -15.01
N ASP A 341 -15.95 -5.54 -13.99
CA ASP A 341 -16.80 -4.52 -13.42
C ASP A 341 -16.25 -3.96 -12.12
N VAL A 342 -15.26 -4.61 -11.51
CA VAL A 342 -14.65 -4.06 -10.31
C VAL A 342 -13.34 -3.34 -10.64
N ILE A 343 -12.67 -3.74 -11.71
CA ILE A 343 -11.51 -2.96 -12.15
C ILE A 343 -11.93 -1.65 -12.81
N ILE A 344 -13.13 -1.56 -13.41
CA ILE A 344 -13.63 -0.27 -13.87
C ILE A 344 -13.98 0.65 -12.70
N LYS A 345 -14.61 0.08 -11.67
CA LYS A 345 -14.89 0.86 -10.48
C LYS A 345 -13.57 1.38 -9.92
N ASN A 346 -12.52 0.56 -10.00
CA ASN A 346 -11.24 0.96 -9.44
C ASN A 346 -10.50 1.97 -10.30
N ASN A 347 -10.63 1.88 -11.62
CA ASN A 347 -10.05 2.89 -12.50
C ASN A 347 -10.70 4.24 -12.31
N LEU A 348 -12.03 4.27 -12.15
CA LEU A 348 -12.70 5.55 -11.93
C LEU A 348 -12.39 6.14 -10.56
N LYS A 349 -11.83 5.37 -9.64
CA LYS A 349 -11.28 5.95 -8.42
C LYS A 349 -9.80 6.29 -8.61
N ASP A 350 -9.13 5.61 -9.53
CA ASP A 350 -7.72 5.86 -9.80
C ASP A 350 -7.51 7.20 -10.47
N CYS A 351 -8.11 7.40 -11.65
CA CYS A 351 -7.99 8.67 -12.33
C CYS A 351 -8.74 9.77 -11.61
N GLY A 352 -9.63 9.42 -10.70
CA GLY A 352 -10.11 10.34 -9.69
C GLY A 352 -11.34 10.99 -10.26
N LEU A 353 -12.50 10.40 -10.01
CA LEU A 353 -13.66 10.88 -10.75
C LEU A 353 -14.88 10.85 -9.84
N PHE A 354 -14.76 10.15 -8.71
CA PHE A 354 -15.86 10.09 -7.75
C PHE A 354 -15.30 9.90 -6.35
N SER B 49 9.87 -3.11 40.66
CA SER B 49 9.65 -1.76 40.20
C SER B 49 9.73 -0.76 41.36
N GLN B 50 9.37 -1.23 42.55
CA GLN B 50 9.39 -0.36 43.73
C GLN B 50 10.80 0.03 44.18
N ILE B 51 11.76 -0.86 43.98
CA ILE B 51 13.15 -0.62 44.35
C ILE B 51 13.99 0.36 43.50
N THR B 52 13.70 0.47 42.21
CA THR B 52 14.47 1.32 41.33
C THR B 52 14.22 2.83 41.31
N ASN B 53 13.32 3.37 42.13
CA ASN B 53 13.13 4.82 42.06
C ASN B 53 14.32 5.63 42.59
N ASN B 54 15.31 4.98 43.20
CA ASN B 54 16.55 5.66 43.58
C ASN B 54 17.56 5.69 42.43
N ILE B 55 17.19 5.23 41.24
CA ILE B 55 18.08 5.20 40.08
C ILE B 55 17.70 6.34 39.14
N ASP B 56 18.69 7.06 38.64
CA ASP B 56 18.45 8.16 37.72
C ASP B 56 17.91 7.64 36.39
N PRO B 57 16.74 8.09 35.96
CA PRO B 57 16.19 7.61 34.69
C PRO B 57 16.92 8.20 33.49
N VAL B 58 16.80 7.51 32.36
CA VAL B 58 17.21 8.09 31.09
C VAL B 58 16.26 9.22 30.75
N GLY B 59 16.83 10.34 30.32
CA GLY B 59 16.03 11.55 30.10
C GLY B 59 15.14 11.49 28.89
N ARG B 60 15.75 11.49 27.70
CA ARG B 60 15.00 11.44 26.47
C ARG B 60 15.92 10.88 25.39
N ILE B 61 15.32 10.26 24.38
CA ILE B 61 16.06 9.59 23.32
C ILE B 61 15.65 10.21 21.99
N GLN B 62 16.64 10.59 21.19
CA GLN B 62 16.42 11.12 19.85
C GLN B 62 17.08 10.19 18.85
N MET B 63 16.30 9.67 17.90
CA MET B 63 16.81 8.76 16.90
C MET B 63 16.42 9.25 15.51
N ARG B 64 17.34 9.15 14.58
CA ARG B 64 17.15 9.68 13.24
C ARG B 64 17.39 8.59 12.21
N THR B 65 16.56 8.57 11.17
CA THR B 65 16.56 7.50 10.18
C THR B 65 17.79 7.62 9.29
N ARG B 66 18.90 7.08 9.78
CA ARG B 66 20.20 7.28 9.15
C ARG B 66 20.28 6.71 7.74
N ARG B 67 19.43 5.76 7.38
CA ARG B 67 19.32 5.29 6.00
C ARG B 67 17.84 5.17 5.66
N THR B 68 17.58 4.58 4.50
CA THR B 68 16.25 4.09 4.12
C THR B 68 16.44 3.11 2.98
N LEU B 69 15.95 1.90 3.14
CA LEU B 69 16.23 0.80 2.24
C LEU B 69 15.00 0.58 1.37
N ARG B 70 15.13 0.85 0.08
CA ARG B 70 14.00 0.94 -0.82
C ARG B 70 14.11 -0.12 -1.90
N GLY B 71 12.97 -0.69 -2.28
CA GLY B 71 12.97 -1.68 -3.34
C GLY B 71 11.92 -2.76 -3.21
N HIS B 72 11.29 -2.86 -2.05
CA HIS B 72 10.17 -3.79 -1.91
C HIS B 72 8.90 -3.18 -2.48
N LEU B 73 8.00 -4.05 -2.93
CA LEU B 73 6.74 -3.61 -3.51
C LEU B 73 5.51 -4.02 -2.72
N ALA B 74 5.52 -5.17 -2.08
CA ALA B 74 4.43 -5.57 -1.21
C ALA B 74 4.74 -5.14 0.22
N LYS B 75 4.00 -5.66 1.20
CA LYS B 75 4.27 -5.30 2.58
C LYS B 75 5.40 -6.16 3.14
N ILE B 76 5.75 -5.96 4.41
CA ILE B 76 6.92 -6.56 5.03
C ILE B 76 6.48 -7.29 6.31
N TYR B 77 6.96 -8.50 6.51
CA TYR B 77 6.76 -9.19 7.78
C TYR B 77 8.04 -9.64 8.49
N ALA B 78 9.22 -9.26 8.01
CA ALA B 78 10.39 -9.89 8.60
C ALA B 78 11.62 -9.00 8.46
N MET B 79 12.63 -9.33 9.25
CA MET B 79 14.04 -8.98 9.12
C MET B 79 14.79 -9.76 10.17
N HIS B 80 16.08 -9.98 9.92
CA HIS B 80 16.94 -10.58 10.93
C HIS B 80 18.37 -10.14 10.65
N TRP B 81 18.97 -9.45 11.61
CA TRP B 81 20.37 -9.08 11.50
C TRP B 81 21.26 -10.31 11.55
N GLY B 82 22.37 -10.24 10.86
CA GLY B 82 23.40 -11.22 11.05
C GLY B 82 24.17 -10.98 12.33
N THR B 83 25.05 -11.91 12.65
CA THR B 83 26.06 -11.66 13.67
C THR B 83 27.17 -10.77 13.13
N ASP B 84 27.19 -10.53 11.82
CA ASP B 84 28.12 -9.61 11.19
C ASP B 84 27.90 -8.16 11.61
N SER B 85 26.70 -7.83 12.10
CA SER B 85 26.19 -6.47 12.31
C SER B 85 26.13 -5.68 11.01
N ARG B 86 26.18 -6.37 9.87
CA ARG B 86 26.36 -5.75 8.57
C ARG B 86 25.21 -6.06 7.62
N LEU B 87 24.86 -7.32 7.44
CA LEU B 87 23.88 -7.71 6.45
C LEU B 87 22.56 -8.06 7.12
N LEU B 88 21.45 -7.68 6.50
CA LEU B 88 20.14 -8.08 6.98
C LEU B 88 19.39 -8.78 5.86
N VAL B 89 18.36 -9.53 6.23
CA VAL B 89 17.43 -10.10 5.26
C VAL B 89 16.08 -9.42 5.44
N SER B 90 15.23 -9.55 4.43
CA SER B 90 13.86 -9.06 4.54
C SER B 90 12.96 -9.89 3.65
N ALA B 91 11.75 -10.16 4.12
CA ALA B 91 10.82 -11.07 3.48
C ALA B 91 9.48 -10.38 3.24
N SER B 92 8.94 -10.52 2.04
CA SER B 92 7.77 -9.75 1.63
C SER B 92 6.82 -10.62 0.82
N GLN B 93 5.68 -10.05 0.42
CA GLN B 93 4.70 -10.76 -0.38
C GLN B 93 4.86 -10.55 -1.87
N ASP B 94 5.93 -9.90 -2.30
CA ASP B 94 6.25 -9.95 -3.72
C ASP B 94 6.78 -11.32 -4.13
N GLY B 95 7.12 -12.16 -3.17
CA GLY B 95 7.81 -13.40 -3.45
C GLY B 95 9.30 -13.26 -3.36
N LYS B 96 9.81 -12.21 -2.72
CA LYS B 96 11.23 -11.86 -2.73
C LYS B 96 11.76 -11.85 -1.32
N LEU B 97 12.92 -12.48 -1.13
CA LEU B 97 13.64 -12.45 0.13
C LEU B 97 14.96 -11.78 -0.20
N ILE B 98 15.11 -10.51 0.18
CA ILE B 98 16.23 -9.69 -0.27
C ILE B 98 17.22 -9.56 0.87
N ILE B 99 18.50 -9.81 0.57
CA ILE B 99 19.57 -9.59 1.53
C ILE B 99 20.17 -8.22 1.26
N TRP B 100 20.07 -7.34 2.23
CA TRP B 100 20.55 -5.97 2.13
C TRP B 100 21.87 -5.81 2.86
N ASP B 101 22.73 -4.97 2.29
CA ASP B 101 23.88 -4.44 2.99
C ASP B 101 23.44 -3.18 3.72
N SER B 102 23.78 -3.09 5.00
CA SER B 102 23.31 -1.95 5.78
C SER B 102 24.25 -0.77 5.77
N TYR B 103 25.35 -0.82 5.01
CA TYR B 103 26.28 0.31 4.93
C TYR B 103 26.12 1.11 3.63
N THR B 104 26.14 0.44 2.49
CA THR B 104 25.95 1.10 1.21
C THR B 104 24.50 1.06 0.73
N THR B 105 23.63 0.34 1.45
CA THR B 105 22.18 0.25 1.18
C THR B 105 21.87 -0.17 -0.25
N ASN B 106 22.54 -1.22 -0.70
CA ASN B 106 22.24 -1.81 -1.99
C ASN B 106 22.15 -3.32 -1.83
N LYS B 107 21.55 -3.96 -2.84
CA LYS B 107 21.30 -5.39 -2.79
C LYS B 107 22.59 -6.18 -2.89
N VAL B 108 22.59 -7.33 -2.22
CA VAL B 108 23.61 -8.34 -2.42
C VAL B 108 23.02 -9.60 -3.05
N HIS B 109 21.81 -9.98 -2.64
CA HIS B 109 21.07 -11.09 -3.24
C HIS B 109 19.59 -10.75 -3.20
N ALA B 110 18.86 -11.18 -4.22
CA ALA B 110 17.40 -11.05 -4.24
C ALA B 110 16.85 -12.44 -4.53
N ILE B 111 16.62 -13.21 -3.47
CA ILE B 111 16.26 -14.61 -3.56
C ILE B 111 14.80 -14.70 -4.00
N PRO B 112 14.48 -15.37 -5.10
CA PRO B 112 13.08 -15.55 -5.48
C PRO B 112 12.46 -16.79 -4.87
N LEU B 113 11.30 -16.62 -4.23
CA LEU B 113 10.66 -17.73 -3.54
C LEU B 113 9.74 -18.49 -4.48
N ARG B 114 9.01 -19.46 -3.94
CA ARG B 114 7.90 -20.09 -4.64
C ARG B 114 6.57 -19.71 -4.02
N SER B 115 6.40 -19.97 -2.72
CA SER B 115 5.21 -19.55 -2.00
C SER B 115 5.40 -18.11 -1.56
N SER B 116 4.65 -17.21 -2.16
CA SER B 116 4.84 -15.79 -1.92
C SER B 116 4.19 -15.29 -0.63
N TRP B 117 3.86 -16.19 0.30
CA TRP B 117 3.29 -15.84 1.60
C TRP B 117 4.29 -16.25 2.67
N VAL B 118 5.20 -15.35 3.00
CA VAL B 118 6.18 -15.60 4.06
C VAL B 118 5.78 -14.78 5.27
N MET B 119 5.89 -15.38 6.45
CA MET B 119 5.60 -14.69 7.69
C MET B 119 6.78 -14.68 8.64
N THR B 120 7.90 -15.27 8.26
CA THR B 120 9.09 -15.23 9.10
C THR B 120 10.32 -15.48 8.24
N CYS B 121 11.48 -15.22 8.82
CA CYS B 121 12.76 -15.42 8.17
C CYS B 121 13.82 -15.59 9.23
N ALA B 122 14.99 -16.07 8.81
CA ALA B 122 16.09 -16.30 9.73
C ALA B 122 17.40 -16.14 8.99
N TYR B 123 18.45 -15.76 9.71
CA TYR B 123 19.77 -15.60 9.11
C TYR B 123 20.79 -16.23 10.05
N ALA B 124 21.58 -17.15 9.52
CA ALA B 124 22.35 -18.08 10.33
C ALA B 124 23.47 -17.36 11.08
N PRO B 125 23.91 -17.90 12.22
CA PRO B 125 25.07 -17.29 12.91
C PRO B 125 26.39 -17.56 12.20
N SER B 126 26.41 -18.43 11.21
CA SER B 126 27.58 -18.63 10.37
C SER B 126 27.56 -17.78 9.12
N GLY B 127 26.53 -16.95 8.94
CA GLY B 127 26.42 -16.11 7.77
C GLY B 127 26.24 -16.85 6.46
N ASN B 128 25.83 -18.11 6.52
CA ASN B 128 25.74 -18.94 5.32
C ASN B 128 24.33 -19.24 4.86
N TYR B 129 23.35 -19.24 5.76
CA TYR B 129 22.05 -19.81 5.48
C TYR B 129 20.95 -18.80 5.76
N VAL B 130 19.94 -18.78 4.90
CA VAL B 130 18.69 -18.08 5.20
C VAL B 130 17.58 -19.11 5.22
N ALA B 131 16.52 -18.81 5.97
CA ALA B 131 15.36 -19.67 6.03
C ALA B 131 14.12 -18.83 5.82
N CYS B 132 13.08 -19.45 5.27
CA CYS B 132 11.83 -18.73 5.10
C CYS B 132 10.66 -19.69 5.31
N GLY B 133 9.58 -19.19 5.89
CA GLY B 133 8.42 -20.02 6.14
C GLY B 133 7.16 -19.19 6.19
N GLY B 134 6.03 -19.84 5.93
CA GLY B 134 4.77 -19.14 5.91
C GLY B 134 3.56 -20.03 5.81
N LEU B 135 2.61 -19.65 4.96
CA LEU B 135 1.36 -20.39 4.82
C LEU B 135 1.51 -21.63 3.95
N ASP B 136 2.70 -21.95 3.48
CA ASP B 136 2.88 -23.16 2.71
C ASP B 136 3.12 -24.38 3.59
N ASN B 137 3.25 -24.18 4.92
CA ASN B 137 3.60 -25.22 5.89
C ASN B 137 4.92 -25.90 5.52
N ILE B 138 5.89 -25.12 5.04
CA ILE B 138 7.18 -25.63 4.61
C ILE B 138 8.22 -24.59 4.97
N CYS B 139 9.29 -25.01 5.64
CA CYS B 139 10.43 -24.17 5.95
C CYS B 139 11.51 -24.43 4.91
N SER B 140 11.77 -23.44 4.06
CA SER B 140 12.79 -23.59 3.04
C SER B 140 14.11 -23.04 3.55
N ILE B 141 15.21 -23.71 3.18
CA ILE B 141 16.54 -23.26 3.56
C ILE B 141 17.38 -23.02 2.32
N TYR B 142 17.91 -21.81 2.20
CA TYR B 142 18.78 -21.42 1.10
C TYR B 142 20.20 -21.21 1.61
N ASN B 143 21.19 -21.58 0.80
CA ASN B 143 22.60 -21.38 1.13
C ASN B 143 23.18 -20.25 0.28
N LEU B 144 24.08 -19.47 0.88
CA LEU B 144 24.63 -18.30 0.21
C LEU B 144 26.02 -18.56 -0.36
N LYS B 145 26.96 -18.95 0.48
CA LYS B 145 28.35 -19.14 0.06
C LYS B 145 28.45 -20.46 -0.68
N THR B 146 28.12 -20.41 -1.96
CA THR B 146 28.11 -21.56 -2.85
C THR B 146 29.23 -21.43 -3.88
N ARG B 147 29.47 -22.53 -4.61
CA ARG B 147 30.53 -22.54 -5.60
C ARG B 147 30.16 -21.67 -6.79
N GLU B 148 28.93 -21.78 -7.27
CA GLU B 148 28.47 -20.97 -8.40
C GLU B 148 28.10 -19.57 -7.92
N GLY B 149 27.50 -18.79 -8.80
CA GLY B 149 27.09 -17.44 -8.46
C GLY B 149 25.67 -17.37 -7.96
N ASN B 150 24.76 -18.04 -8.65
CA ASN B 150 23.35 -17.99 -8.29
C ASN B 150 23.08 -18.74 -6.99
N VAL B 151 22.00 -18.36 -6.34
CA VAL B 151 21.60 -18.88 -5.04
C VAL B 151 20.61 -20.02 -5.27
N ARG B 152 20.55 -20.96 -4.34
CA ARG B 152 19.70 -22.12 -4.54
C ARG B 152 19.19 -22.63 -3.19
N VAL B 153 18.16 -23.45 -3.25
CA VAL B 153 17.51 -24.01 -2.06
C VAL B 153 18.23 -25.28 -1.64
N SER B 154 18.48 -25.41 -0.34
CA SER B 154 19.21 -26.57 0.16
C SER B 154 18.26 -27.69 0.58
N ARG B 155 17.37 -27.41 1.54
CA ARG B 155 16.50 -28.43 2.10
C ARG B 155 15.10 -27.84 2.31
N GLU B 156 14.10 -28.66 2.07
CA GLU B 156 12.69 -28.30 2.15
C GLU B 156 12.06 -29.03 3.34
N LEU B 157 12.10 -28.42 4.51
CA LEU B 157 11.53 -29.04 5.69
C LEU B 157 10.01 -29.00 5.63
N ALA B 158 9.39 -30.18 5.59
CA ALA B 158 7.99 -30.32 5.18
C ALA B 158 7.21 -31.23 6.13
N GLY B 159 7.23 -30.93 7.42
CA GLY B 159 6.57 -31.80 8.36
C GLY B 159 5.58 -31.16 9.32
N HIS B 160 5.03 -30.00 8.98
CA HIS B 160 4.05 -29.35 9.81
C HIS B 160 2.65 -29.46 9.21
N THR B 161 1.66 -29.03 9.98
CA THR B 161 0.28 -28.99 9.54
C THR B 161 -0.30 -27.58 9.54
N GLY B 162 0.02 -26.76 10.54
CA GLY B 162 -0.32 -25.36 10.50
C GLY B 162 0.73 -24.55 9.77
N TYR B 163 0.51 -23.24 9.73
CA TYR B 163 1.45 -22.33 9.11
C TYR B 163 2.66 -22.13 10.02
N LEU B 164 3.60 -21.28 9.59
CA LEU B 164 4.84 -21.03 10.31
C LEU B 164 4.84 -19.63 10.91
N SER B 165 5.22 -19.50 12.17
CA SER B 165 5.27 -18.21 12.84
C SER B 165 6.70 -17.68 12.97
N CYS B 166 7.63 -18.50 13.43
CA CYS B 166 9.04 -18.12 13.49
C CYS B 166 9.91 -19.26 13.02
N CYS B 167 11.22 -19.03 12.99
CA CYS B 167 12.26 -20.06 12.89
C CYS B 167 13.59 -19.42 13.23
N ARG B 168 14.37 -20.01 14.12
CA ARG B 168 15.65 -19.46 14.49
C ARG B 168 16.71 -20.55 14.43
N PHE B 169 17.88 -20.22 13.89
CA PHE B 169 18.94 -21.20 13.74
C PHE B 169 19.65 -21.43 15.07
N LEU B 170 20.26 -22.60 15.19
CA LEU B 170 21.12 -22.93 16.32
C LEU B 170 22.57 -23.08 15.86
N ASP B 171 22.81 -24.00 14.93
CA ASP B 171 24.07 -24.19 14.23
C ASP B 171 23.74 -24.11 12.75
N ASP B 172 24.64 -24.56 11.89
CA ASP B 172 24.24 -24.90 10.53
C ASP B 172 23.67 -26.31 10.43
N ASN B 173 23.15 -26.85 11.53
CA ASN B 173 22.63 -28.21 11.57
C ASN B 173 21.35 -28.37 12.36
N GLN B 174 20.86 -27.32 13.03
CA GLN B 174 19.69 -27.43 13.90
C GLN B 174 18.87 -26.17 13.77
N ILE B 175 17.61 -26.30 13.36
CA ILE B 175 16.69 -25.18 13.27
C ILE B 175 15.44 -25.50 14.10
N VAL B 176 15.01 -24.55 14.91
CA VAL B 176 13.83 -24.70 15.75
C VAL B 176 12.73 -23.81 15.19
N THR B 177 11.62 -24.43 14.80
CA THR B 177 10.49 -23.73 14.21
C THR B 177 9.32 -23.70 15.18
N SER B 178 8.40 -22.78 14.94
CA SER B 178 7.16 -22.70 15.70
C SER B 178 6.01 -22.52 14.73
N SER B 179 4.87 -23.10 15.05
CA SER B 179 3.81 -23.22 14.07
C SER B 179 2.49 -22.79 14.67
N GLY B 180 1.43 -22.94 13.89
CA GLY B 180 0.08 -22.60 14.27
C GLY B 180 -0.78 -23.75 14.68
N ASP B 181 -0.25 -24.97 14.73
CA ASP B 181 -0.96 -26.13 15.26
C ASP B 181 -0.48 -26.47 16.66
N THR B 182 -0.21 -25.43 17.46
CA THR B 182 0.10 -25.50 18.89
C THR B 182 1.37 -26.28 19.20
N THR B 183 2.25 -26.50 18.23
CA THR B 183 3.45 -27.29 18.44
C THR B 183 4.67 -26.57 17.87
N CYS B 184 5.73 -26.48 18.68
CA CYS B 184 7.05 -26.15 18.14
C CYS B 184 7.68 -27.40 17.55
N ALA B 185 8.98 -27.33 17.27
CA ALA B 185 9.71 -28.50 16.80
C ALA B 185 11.20 -28.29 17.07
N LEU B 186 12.00 -29.22 16.59
CA LEU B 186 13.44 -29.05 16.45
C LEU B 186 13.91 -29.99 15.36
N TRP B 187 14.60 -29.45 14.37
CA TRP B 187 14.80 -30.20 13.13
C TRP B 187 16.25 -30.63 13.00
N ASP B 188 16.55 -31.23 11.85
CA ASP B 188 17.89 -31.67 11.48
C ASP B 188 17.97 -31.61 9.96
N ILE B 189 18.91 -30.83 9.45
CA ILE B 189 18.84 -30.37 8.05
C ILE B 189 19.07 -31.53 7.08
N GLU B 190 20.10 -32.35 7.31
CA GLU B 190 20.40 -33.43 6.37
C GLU B 190 19.40 -34.57 6.51
N THR B 191 19.04 -34.92 7.75
CA THR B 191 18.10 -36.00 7.99
C THR B 191 16.73 -35.68 7.43
N GLY B 192 16.24 -34.46 7.67
CA GLY B 192 14.96 -34.02 7.17
C GLY B 192 13.82 -34.25 8.13
N GLN B 193 14.06 -34.94 9.24
CA GLN B 193 13.02 -35.28 10.19
C GLN B 193 13.29 -34.59 11.52
N GLN B 194 12.22 -34.30 12.23
CA GLN B 194 12.28 -33.53 13.47
C GLN B 194 12.68 -34.44 14.63
N THR B 195 13.76 -34.08 15.32
CA THR B 195 14.28 -34.94 16.37
C THR B 195 13.66 -34.65 17.72
N THR B 196 12.84 -33.61 17.86
CA THR B 196 12.11 -33.34 19.13
C THR B 196 10.88 -32.45 18.91
N THR B 197 9.67 -32.82 19.31
CA THR B 197 8.55 -31.93 19.03
C THR B 197 7.81 -31.54 20.25
N PHE B 198 7.73 -30.24 20.51
CA PHE B 198 7.10 -29.75 21.72
C PHE B 198 5.60 -29.47 21.57
N THR B 199 4.76 -30.33 22.14
CA THR B 199 3.31 -30.06 22.08
C THR B 199 2.73 -29.74 23.47
N GLY B 200 3.05 -28.57 23.99
CA GLY B 200 2.60 -28.15 25.31
C GLY B 200 1.44 -27.19 25.54
N HIS B 201 0.74 -26.75 24.49
CA HIS B 201 -0.36 -25.79 24.70
C HIS B 201 -1.53 -25.90 23.72
N THR B 202 -2.56 -25.09 23.93
CA THR B 202 -3.72 -25.12 23.04
C THR B 202 -3.62 -23.99 22.02
N GLY B 203 -3.18 -22.82 22.46
CA GLY B 203 -3.04 -21.69 21.56
C GLY B 203 -1.94 -21.88 20.53
N ASP B 204 -2.17 -21.36 19.32
CA ASP B 204 -1.15 -21.46 18.29
C ASP B 204 0.09 -20.65 18.68
N VAL B 205 1.27 -21.25 18.52
CA VAL B 205 2.50 -20.54 18.85
C VAL B 205 2.68 -19.36 17.91
N MET B 206 3.14 -18.24 18.43
CA MET B 206 3.27 -17.04 17.59
C MET B 206 4.69 -16.48 17.56
N SER B 207 5.48 -16.78 18.58
CA SER B 207 6.83 -16.22 18.64
C SER B 207 7.79 -17.30 19.11
N LEU B 208 9.05 -16.91 19.28
CA LEU B 208 10.15 -17.80 19.62
C LEU B 208 11.37 -16.96 19.92
N SER B 209 12.19 -17.42 20.87
CA SER B 209 13.41 -16.70 21.21
C SER B 209 14.37 -17.65 21.91
N LEU B 210 15.48 -17.97 21.26
CA LEU B 210 16.49 -18.80 21.90
C LEU B 210 17.21 -18.03 22.99
N ALA B 211 17.81 -18.78 23.91
CA ALA B 211 18.60 -18.19 24.97
C ALA B 211 19.95 -17.72 24.42
N PRO B 212 20.66 -16.86 25.16
CA PRO B 212 22.03 -16.52 24.76
C PRO B 212 22.98 -17.70 24.68
N ASP B 213 22.82 -18.72 25.52
CA ASP B 213 23.66 -19.90 25.45
C ASP B 213 23.06 -21.01 24.59
N THR B 214 21.88 -20.76 23.99
CA THR B 214 21.22 -21.65 23.03
C THR B 214 21.00 -23.05 23.60
N ARG B 215 20.53 -23.12 24.85
CA ARG B 215 20.20 -24.39 25.47
C ARG B 215 18.71 -24.58 25.75
N LEU B 216 17.94 -23.50 25.83
CA LEU B 216 16.52 -23.60 26.15
C LEU B 216 15.83 -22.31 25.72
N PHE B 217 14.72 -22.44 24.99
CA PHE B 217 14.07 -21.28 24.44
C PHE B 217 12.74 -20.99 25.15
N VAL B 218 12.02 -20.01 24.61
CA VAL B 218 10.76 -19.54 25.17
C VAL B 218 9.80 -19.32 24.02
N SER B 219 8.52 -19.64 24.22
CA SER B 219 7.52 -19.46 23.18
C SER B 219 6.19 -19.09 23.82
N GLY B 220 5.59 -18.00 23.34
CA GLY B 220 4.28 -17.58 23.78
C GLY B 220 3.28 -17.82 22.68
N ALA B 221 2.03 -18.06 23.07
CA ALA B 221 1.05 -18.56 22.13
C ALA B 221 -0.27 -17.81 22.27
N CYS B 222 -1.24 -18.23 21.47
CA CYS B 222 -2.51 -17.54 21.36
C CYS B 222 -3.41 -17.73 22.57
N ASP B 223 -3.05 -18.60 23.51
CA ASP B 223 -3.83 -18.76 24.74
C ASP B 223 -3.22 -18.01 25.91
N ALA B 224 -2.43 -16.97 25.63
CA ALA B 224 -1.76 -16.08 26.58
C ALA B 224 -0.77 -16.79 27.50
N SER B 225 -0.41 -18.04 27.19
CA SER B 225 0.44 -18.85 28.05
C SER B 225 1.84 -18.91 27.43
N ALA B 226 2.80 -18.23 28.06
CA ALA B 226 4.17 -18.22 27.60
C ALA B 226 4.95 -19.29 28.34
N LYS B 227 5.47 -20.26 27.61
CA LYS B 227 6.15 -21.40 28.20
C LYS B 227 7.66 -21.24 28.10
N LEU B 228 8.38 -21.87 29.01
CA LEU B 228 9.83 -22.02 28.91
C LEU B 228 10.16 -23.48 28.64
N TRP B 229 10.81 -23.74 27.53
CA TRP B 229 11.05 -25.10 27.09
C TRP B 229 12.48 -25.53 27.38
N ASP B 230 12.86 -26.69 26.86
CA ASP B 230 14.21 -27.22 27.00
C ASP B 230 14.51 -28.03 25.76
N VAL B 231 15.64 -27.74 25.12
CA VAL B 231 15.95 -28.39 23.85
C VAL B 231 16.43 -29.82 24.06
N ARG B 232 17.08 -30.11 25.19
CA ARG B 232 17.71 -31.40 25.41
C ARG B 232 16.67 -32.49 25.70
N GLU B 233 15.92 -32.34 26.79
CA GLU B 233 14.88 -33.32 27.11
C GLU B 233 13.74 -33.24 26.11
N GLY B 234 13.06 -32.09 26.03
CA GLY B 234 12.02 -31.92 25.05
C GLY B 234 10.66 -31.67 25.63
N MET B 235 10.61 -31.09 26.84
CA MET B 235 9.34 -30.83 27.49
C MET B 235 9.43 -29.52 28.25
N CYS B 236 8.25 -28.94 28.50
CA CYS B 236 8.13 -27.65 29.14
C CYS B 236 8.65 -27.68 30.57
N ARG B 237 9.02 -26.52 31.07
CA ARG B 237 9.52 -26.47 32.44
C ARG B 237 8.76 -25.48 33.32
N GLN B 238 8.43 -24.29 32.82
CA GLN B 238 7.45 -23.45 33.48
C GLN B 238 6.48 -22.88 32.46
N THR B 239 5.34 -22.42 32.95
CA THR B 239 4.35 -21.73 32.14
C THR B 239 3.87 -20.49 32.88
N PHE B 240 3.97 -19.33 32.23
CA PHE B 240 3.55 -18.06 32.79
C PHE B 240 2.29 -17.60 32.09
N THR B 241 1.26 -17.26 32.86
CA THR B 241 0.02 -16.70 32.36
C THR B 241 -0.25 -15.42 33.12
N GLY B 242 -0.06 -14.28 32.46
CA GLY B 242 -0.34 -13.00 33.08
C GLY B 242 -1.12 -12.08 32.16
N HIS B 243 -1.28 -12.49 30.92
CA HIS B 243 -1.84 -11.65 29.88
C HIS B 243 -3.33 -11.94 29.70
N GLU B 244 -4.08 -10.89 29.35
CA GLU B 244 -5.52 -11.00 29.18
C GLU B 244 -5.91 -11.40 27.77
N SER B 245 -5.00 -11.32 26.80
CA SER B 245 -5.27 -11.78 25.45
C SER B 245 -4.01 -12.40 24.88
N ASP B 246 -4.02 -12.69 23.59
CA ASP B 246 -2.98 -13.49 22.97
C ASP B 246 -1.68 -12.71 22.80
N ILE B 247 -0.63 -13.40 22.35
CA ILE B 247 0.76 -12.96 22.44
C ILE B 247 1.33 -12.88 21.04
N ASN B 248 1.92 -11.73 20.69
CA ASN B 248 2.46 -11.54 19.35
C ASN B 248 3.97 -11.61 19.24
N ALA B 249 4.73 -11.26 20.29
CA ALA B 249 6.18 -11.39 20.19
C ALA B 249 6.82 -11.51 21.56
N ILE B 250 7.95 -12.21 21.59
CA ILE B 250 8.76 -12.43 22.79
C ILE B 250 10.23 -12.41 22.39
N CYS B 251 11.07 -11.74 23.19
CA CYS B 251 12.51 -11.96 23.15
C CYS B 251 13.07 -12.00 24.57
N PHE B 252 14.18 -12.73 24.74
CA PHE B 252 14.91 -12.74 26.01
C PHE B 252 15.57 -11.40 26.32
N PHE B 253 15.62 -11.11 27.62
CA PHE B 253 16.57 -10.17 28.17
C PHE B 253 17.97 -10.69 27.87
N PRO B 254 18.91 -9.82 27.48
CA PRO B 254 20.18 -10.32 26.93
C PRO B 254 21.06 -11.06 27.93
N ASN B 255 20.78 -10.94 29.23
CA ASN B 255 21.46 -11.78 30.22
C ASN B 255 21.14 -13.25 29.99
N GLY B 256 19.85 -13.58 29.91
CA GLY B 256 19.44 -14.94 29.66
C GLY B 256 18.54 -15.50 30.74
N ASN B 257 18.12 -14.64 31.68
CA ASN B 257 17.30 -15.09 32.80
C ASN B 257 16.12 -14.15 33.03
N ALA B 258 15.60 -13.56 31.96
CA ALA B 258 14.35 -12.81 31.96
C ALA B 258 13.90 -12.69 30.52
N PHE B 259 12.60 -12.41 30.33
CA PHE B 259 12.10 -12.21 28.98
C PHE B 259 10.90 -11.28 29.01
N ALA B 260 10.61 -10.70 27.85
CA ALA B 260 9.60 -9.68 27.72
C ALA B 260 8.55 -10.12 26.72
N THR B 261 7.29 -9.94 27.08
CA THR B 261 6.17 -10.44 26.31
C THR B 261 5.35 -9.27 25.82
N GLY B 262 5.12 -9.21 24.51
CA GLY B 262 4.27 -8.22 23.91
C GLY B 262 2.97 -8.81 23.42
N SER B 263 1.85 -8.33 23.94
CA SER B 263 0.56 -8.93 23.69
C SER B 263 -0.23 -8.11 22.67
N ASP B 264 -1.50 -8.44 22.50
CA ASP B 264 -2.38 -7.78 21.56
C ASP B 264 -3.43 -6.91 22.26
N ASP B 265 -3.21 -6.55 23.52
CA ASP B 265 -4.09 -5.63 24.23
C ASP B 265 -3.30 -4.45 24.79
N ALA B 266 -2.37 -3.93 23.98
CA ALA B 266 -1.66 -2.67 24.22
C ALA B 266 -0.82 -2.69 25.49
N THR B 267 -0.34 -3.85 25.91
CA THR B 267 0.46 -3.91 27.11
C THR B 267 1.63 -4.86 26.90
N CYS B 268 2.77 -4.53 27.52
CA CYS B 268 3.91 -5.43 27.57
C CYS B 268 4.15 -5.83 29.01
N ARG B 269 4.75 -7.00 29.21
CA ARG B 269 5.19 -7.37 30.56
C ARG B 269 6.56 -8.01 30.55
N LEU B 270 7.16 -8.04 31.73
CA LEU B 270 8.54 -8.54 31.91
C LEU B 270 8.51 -9.67 32.93
N PHE B 271 8.68 -10.90 32.45
CA PHE B 271 8.72 -12.06 33.33
C PHE B 271 10.16 -12.47 33.62
N ASP B 272 10.34 -13.14 34.74
CA ASP B 272 11.64 -13.62 35.20
C ASP B 272 11.61 -15.13 35.33
N LEU B 273 12.71 -15.79 34.99
CA LEU B 273 12.76 -17.24 34.96
C LEU B 273 13.11 -17.86 36.30
N ARG B 274 13.28 -17.06 37.36
CA ARG B 274 13.62 -17.60 38.67
C ARG B 274 12.65 -17.21 39.78
N ALA B 275 11.98 -16.06 39.67
CA ALA B 275 10.87 -15.74 40.55
C ALA B 275 9.53 -16.16 39.96
N ASP B 276 9.49 -16.43 38.64
CA ASP B 276 8.37 -17.07 37.95
C ASP B 276 7.08 -16.26 38.03
N GLN B 277 7.20 -14.93 37.95
CA GLN B 277 6.01 -14.09 37.99
C GLN B 277 6.30 -12.76 37.30
N GLU B 278 5.22 -12.02 37.05
CA GLU B 278 5.30 -10.72 36.40
C GLU B 278 6.00 -9.70 37.29
N LEU B 279 6.88 -8.89 36.70
CA LEU B 279 7.55 -7.81 37.42
C LEU B 279 6.99 -6.44 37.08
N MET B 280 7.02 -6.05 35.81
CA MET B 280 6.30 -4.89 35.31
C MET B 280 5.36 -5.20 34.16
N THR B 281 4.33 -4.38 34.10
CA THR B 281 3.54 -4.15 32.89
C THR B 281 3.80 -2.72 32.42
N TYR B 282 4.07 -2.59 31.13
CA TYR B 282 4.25 -1.31 30.48
C TYR B 282 3.00 -1.02 29.66
N SER B 283 2.35 0.10 29.96
CA SER B 283 1.11 0.48 29.30
C SER B 283 0.90 1.98 29.48
N HIS B 284 0.51 2.63 28.39
CA HIS B 284 0.09 4.01 28.41
C HIS B 284 -1.41 4.06 28.14
N ASP B 285 -2.08 5.05 28.74
CA ASP B 285 -3.54 5.10 28.67
C ASP B 285 -4.07 5.52 27.33
N ASN B 286 -3.21 5.95 26.40
CA ASN B 286 -3.62 6.45 25.10
C ASN B 286 -3.20 5.45 24.01
N ILE B 287 -3.35 4.15 24.29
CA ILE B 287 -3.06 3.12 23.31
C ILE B 287 -4.28 2.20 23.16
N ILE B 288 -4.57 1.82 21.92
CA ILE B 288 -5.68 0.94 21.60
C ILE B 288 -5.12 -0.30 20.91
N CYS B 289 -4.13 -0.10 20.05
CA CYS B 289 -3.64 -1.11 19.13
C CYS B 289 -2.79 -2.15 19.87
N GLY B 290 -2.29 -3.14 19.14
CA GLY B 290 -1.58 -4.26 19.73
C GLY B 290 -0.15 -4.38 19.24
N ILE B 291 0.75 -4.74 20.15
CA ILE B 291 2.17 -4.90 19.86
C ILE B 291 2.37 -5.97 18.79
N THR B 292 3.34 -5.75 17.90
CA THR B 292 3.62 -6.69 16.82
C THR B 292 5.03 -7.26 16.87
N SER B 293 6.01 -6.53 17.38
CA SER B 293 7.33 -7.14 17.62
C SER B 293 8.00 -6.45 18.80
N VAL B 294 8.96 -7.15 19.39
CA VAL B 294 9.63 -6.72 20.61
C VAL B 294 11.11 -7.01 20.47
N SER B 295 11.96 -6.09 20.94
CA SER B 295 13.38 -6.41 21.06
C SER B 295 14.00 -5.59 22.19
N PHE B 296 15.18 -6.03 22.62
CA PHE B 296 15.92 -5.40 23.71
C PHE B 296 17.16 -4.69 23.16
N SER B 297 17.87 -4.01 24.05
CA SER B 297 19.18 -3.46 23.76
C SER B 297 20.26 -4.31 24.41
N LYS B 298 21.53 -4.00 24.10
CA LYS B 298 22.63 -4.83 24.57
C LYS B 298 22.83 -4.70 26.08
N SER B 299 22.66 -3.50 26.62
CA SER B 299 22.82 -3.32 28.06
C SER B 299 21.57 -3.66 28.85
N GLY B 300 20.49 -4.04 28.17
CA GLY B 300 19.24 -4.34 28.85
C GLY B 300 18.60 -3.14 29.51
N ARG B 301 18.61 -1.99 28.85
CA ARG B 301 18.04 -0.77 29.41
C ARG B 301 16.98 -0.14 28.54
N LEU B 302 16.93 -0.43 27.25
CA LEU B 302 15.86 0.01 26.38
C LEU B 302 15.10 -1.20 25.85
N LEU B 303 13.78 -1.15 25.93
CA LEU B 303 12.92 -2.18 25.38
C LEU B 303 12.13 -1.56 24.25
N LEU B 304 12.45 -1.90 23.02
CA LEU B 304 11.82 -1.30 21.86
C LEU B 304 10.65 -2.17 21.42
N ALA B 305 9.45 -1.60 21.42
CA ALA B 305 8.22 -2.30 21.11
C ALA B 305 7.57 -1.71 19.87
N GLY B 306 7.29 -2.55 18.89
CA GLY B 306 6.75 -2.15 17.60
C GLY B 306 5.24 -2.10 17.50
N TYR B 307 4.61 -1.04 17.99
CA TYR B 307 3.16 -0.98 18.14
C TYR B 307 2.46 -0.95 16.79
N ASP B 308 1.13 -0.88 16.83
CA ASP B 308 0.32 -0.93 15.62
C ASP B 308 -0.49 0.34 15.39
N ASP B 309 -0.21 1.42 16.11
CA ASP B 309 -0.79 2.72 15.83
C ASP B 309 0.15 3.56 15.01
N PHE B 310 0.81 2.91 14.05
CA PHE B 310 1.61 3.41 12.93
C PHE B 310 3.06 3.71 13.34
N ASN B 311 3.44 3.58 14.61
CA ASN B 311 4.77 4.00 15.01
C ASN B 311 5.28 3.16 16.18
N CYS B 312 6.59 2.94 16.19
CA CYS B 312 7.26 2.21 17.26
C CYS B 312 7.36 3.07 18.51
N ASN B 313 7.98 2.53 19.56
CA ASN B 313 8.22 3.26 20.81
C ASN B 313 9.56 2.86 21.39
N VAL B 314 9.91 3.44 22.53
CA VAL B 314 11.05 3.01 23.34
C VAL B 314 10.61 3.01 24.78
N TRP B 315 10.74 1.86 25.44
CA TRP B 315 10.30 1.71 26.82
C TRP B 315 11.52 1.56 27.72
N ASP B 316 11.55 2.34 28.79
CA ASP B 316 12.57 2.17 29.81
C ASP B 316 12.31 0.85 30.52
N ALA B 317 13.16 -0.14 30.27
CA ALA B 317 12.92 -1.50 30.72
C ALA B 317 13.23 -1.72 32.18
N LEU B 318 13.37 -0.66 32.98
CA LEU B 318 13.54 -0.79 34.41
C LEU B 318 12.68 0.17 35.22
N LYS B 319 12.26 1.30 34.66
CA LYS B 319 11.44 2.28 35.36
C LYS B 319 10.02 2.36 34.82
N ALA B 320 9.71 1.62 33.76
CA ALA B 320 8.38 1.57 33.13
C ALA B 320 7.90 2.93 32.63
N ASP B 321 8.82 3.77 32.18
CA ASP B 321 8.47 5.05 31.59
C ASP B 321 8.51 4.95 30.07
N ARG B 322 8.11 6.03 29.41
CA ARG B 322 8.13 6.13 27.95
C ARG B 322 9.23 7.11 27.56
N ALA B 323 10.27 6.61 26.90
CA ALA B 323 11.43 7.47 26.63
C ALA B 323 11.24 8.30 25.37
N GLY B 324 11.09 7.65 24.21
CA GLY B 324 11.06 8.40 22.96
C GLY B 324 10.51 7.65 21.76
N VAL B 325 9.59 8.26 21.04
CA VAL B 325 8.91 7.57 19.94
C VAL B 325 9.64 7.53 18.61
N LEU B 326 9.72 6.36 17.99
CA LEU B 326 10.30 6.25 16.65
C LEU B 326 9.18 6.54 15.67
N ALA B 327 8.77 7.80 15.58
CA ALA B 327 7.64 8.18 14.72
C ALA B 327 7.91 8.31 13.23
N GLY B 328 6.83 8.46 12.45
CA GLY B 328 6.99 8.63 11.01
C GLY B 328 6.74 7.46 10.08
N HIS B 329 6.52 6.26 10.61
CA HIS B 329 6.17 5.14 9.74
C HIS B 329 4.76 5.35 9.20
N ASP B 330 4.52 4.99 7.94
CA ASP B 330 3.21 5.23 7.32
C ASP B 330 2.17 4.17 7.68
N ASN B 331 2.54 2.91 7.61
CA ASN B 331 1.62 1.81 7.93
C ASN B 331 2.09 1.08 9.19
N ARG B 332 1.42 -0.02 9.55
CA ARG B 332 1.82 -0.75 10.74
C ARG B 332 3.24 -1.28 10.60
N VAL B 333 3.98 -1.32 11.73
CA VAL B 333 5.31 -1.91 11.74
C VAL B 333 5.20 -3.39 12.08
N SER B 334 6.10 -4.19 11.53
CA SER B 334 6.00 -5.63 11.65
C SER B 334 7.17 -6.29 12.33
N CYS B 335 8.32 -5.63 12.43
CA CYS B 335 9.56 -6.30 12.76
C CYS B 335 10.61 -5.26 13.07
N LEU B 336 11.47 -5.58 14.04
CA LEU B 336 12.56 -4.67 14.39
C LEU B 336 13.63 -5.47 15.08
N GLY B 337 14.89 -5.27 14.69
CA GLY B 337 15.99 -5.97 15.32
C GLY B 337 17.16 -5.10 15.69
N VAL B 338 17.62 -5.19 16.92
CA VAL B 338 18.85 -4.56 17.33
C VAL B 338 20.01 -5.46 16.94
N THR B 339 21.09 -4.87 16.43
CA THR B 339 22.25 -5.66 16.04
C THR B 339 22.95 -6.26 17.26
N ASP B 340 23.81 -7.24 16.99
CA ASP B 340 24.58 -7.87 18.06
C ASP B 340 25.56 -6.91 18.69
N ASP B 341 26.18 -6.05 17.87
CA ASP B 341 27.03 -5.00 18.42
C ASP B 341 26.19 -3.97 19.15
N GLY B 342 24.97 -3.74 18.69
CA GLY B 342 24.07 -2.81 19.34
C GLY B 342 24.25 -1.40 18.81
N MET B 343 24.15 -1.25 17.49
CA MET B 343 24.43 0.02 16.85
C MET B 343 23.22 0.63 16.14
N ALA B 344 22.13 -0.11 15.98
CA ALA B 344 21.02 0.37 15.17
C ALA B 344 19.75 -0.35 15.58
N VAL B 345 18.64 0.01 14.92
CA VAL B 345 17.51 -0.89 14.74
C VAL B 345 17.17 -0.81 13.27
N ALA B 346 16.35 -1.75 12.80
CA ALA B 346 15.96 -1.70 11.40
C ALA B 346 14.50 -2.12 11.33
N THR B 347 13.60 -1.16 11.44
CA THR B 347 12.20 -1.48 11.48
C THR B 347 11.65 -1.60 10.07
N GLY B 348 10.82 -2.62 9.86
CA GLY B 348 10.15 -2.82 8.60
C GLY B 348 8.66 -2.68 8.80
N SER B 349 7.92 -2.40 7.74
CA SER B 349 6.52 -2.04 7.93
C SER B 349 5.78 -2.30 6.64
N TRP B 350 4.46 -2.21 6.70
CA TRP B 350 3.63 -2.48 5.52
C TRP B 350 3.71 -1.34 4.52
N ASP B 351 4.63 -0.41 4.74
CA ASP B 351 4.80 0.71 3.81
C ASP B 351 5.82 0.40 2.74
N SER B 352 6.38 -0.82 2.76
CA SER B 352 7.41 -1.23 1.80
C SER B 352 8.74 -0.53 2.04
N PHE B 353 8.90 0.04 3.24
CA PHE B 353 10.15 0.71 3.58
C PHE B 353 10.82 0.08 4.78
N LEU B 354 12.11 -0.20 4.66
CA LEU B 354 12.85 -0.78 5.76
C LEU B 354 13.81 0.30 6.24
N LYS B 355 13.47 0.98 7.33
CA LYS B 355 14.29 2.10 7.75
C LYS B 355 15.19 1.73 8.91
N ILE B 356 16.41 2.28 8.89
CA ILE B 356 17.46 1.94 9.84
C ILE B 356 17.71 3.15 10.73
N TRP B 357 17.52 2.97 12.02
CA TRP B 357 17.65 4.08 12.95
C TRP B 357 19.00 4.19 13.66
N ASN B 358 19.32 5.41 14.06
CA ASN B 358 20.55 5.76 14.77
C ASN B 358 21.80 5.05 14.28
N ARG C 64 11.68 -21.32 44.32
CA ARG C 64 11.57 -19.94 43.88
C ARG C 64 12.47 -19.04 44.72
N ILE C 65 13.11 -18.09 44.05
CA ILE C 65 13.99 -17.15 44.70
C ILE C 65 13.16 -15.90 45.01
N LYS C 66 13.64 -15.08 45.94
CA LYS C 66 12.96 -13.83 46.26
C LYS C 66 13.00 -12.89 45.07
N VAL C 67 11.85 -12.25 44.79
CA VAL C 67 11.74 -11.38 43.62
C VAL C 67 12.55 -10.11 43.81
N SER C 68 12.83 -9.71 45.06
CA SER C 68 13.76 -8.62 45.29
C SER C 68 15.18 -9.01 44.92
N LYS C 69 15.54 -10.28 45.11
CA LYS C 69 16.87 -10.74 44.71
C LYS C 69 17.02 -10.76 43.19
N ALA C 70 15.99 -11.22 42.48
CA ALA C 70 16.02 -11.17 41.02
C ALA C 70 16.01 -9.74 40.51
N ALA C 71 15.29 -8.85 41.20
CA ALA C 71 15.31 -7.44 40.87
C ALA C 71 16.71 -6.86 41.04
N ALA C 72 17.39 -7.23 42.12
CA ALA C 72 18.76 -6.80 42.35
C ALA C 72 19.69 -7.32 41.26
N ASP C 73 19.50 -8.57 40.85
CA ASP C 73 20.36 -9.15 39.80
C ASP C 73 20.16 -8.43 38.47
N LEU C 74 18.91 -8.14 38.10
CA LEU C 74 18.67 -7.43 36.85
C LEU C 74 19.16 -5.99 36.90
N MET C 75 19.01 -5.29 38.04
CA MET C 75 19.53 -3.93 38.05
C MET C 75 21.05 -3.92 38.13
N ALA C 76 21.66 -4.98 38.68
CA ALA C 76 23.10 -5.09 38.67
C ALA C 76 23.64 -5.35 37.28
N TYR C 77 22.92 -6.12 36.47
CA TYR C 77 23.32 -6.25 35.06
C TYR C 77 23.03 -4.98 34.29
N CYS C 78 22.03 -4.20 34.71
CA CYS C 78 21.75 -2.93 34.05
C CYS C 78 22.86 -1.91 34.31
N GLU C 79 23.35 -1.82 35.54
CA GLU C 79 24.34 -0.81 35.87
C GLU C 79 25.76 -1.21 35.47
N ALA C 80 26.00 -2.47 35.17
CA ALA C 80 27.34 -2.94 34.81
C ALA C 80 27.59 -2.94 33.31
N HIS C 81 26.65 -2.40 32.52
CA HIS C 81 26.89 -2.26 31.09
C HIS C 81 26.39 -0.95 30.53
N ALA C 82 26.18 0.07 31.38
CA ALA C 82 25.72 1.37 30.89
C ALA C 82 26.78 2.07 30.05
N LYS C 83 28.05 1.76 30.27
CA LYS C 83 29.13 2.37 29.48
C LYS C 83 29.16 1.85 28.04
N GLU C 84 28.98 0.56 27.83
CA GLU C 84 29.02 -0.01 26.49
C GLU C 84 27.62 -0.18 25.90
N ASP C 85 26.89 0.94 25.80
CA ASP C 85 25.57 0.96 25.18
C ASP C 85 25.52 2.10 24.18
N PRO C 86 25.58 1.82 22.88
CA PRO C 86 25.53 2.88 21.87
C PRO C 86 24.13 3.42 21.58
N LEU C 87 23.11 3.11 22.38
CA LEU C 87 21.78 3.66 22.15
C LEU C 87 21.18 4.32 23.39
N LEU C 88 21.93 4.48 24.48
CA LEU C 88 21.50 5.38 25.54
C LEU C 88 22.52 6.48 25.82
N THR C 89 23.82 6.21 25.62
CA THR C 89 24.87 7.22 25.62
C THR C 89 25.57 7.10 24.28
N PRO C 90 25.14 7.85 23.26
CA PRO C 90 25.63 7.61 21.90
C PRO C 90 27.09 7.99 21.72
N VAL C 91 27.74 7.30 20.79
CA VAL C 91 29.15 7.54 20.48
C VAL C 91 29.24 8.70 19.51
N PRO C 92 30.35 9.45 19.48
CA PRO C 92 30.51 10.48 18.45
C PRO C 92 30.61 9.88 17.06
N ALA C 93 30.23 10.69 16.06
CA ALA C 93 30.06 10.21 14.69
C ALA C 93 31.37 9.87 13.99
N SER C 94 32.52 9.96 14.66
CA SER C 94 33.77 9.47 14.08
C SER C 94 33.75 7.96 13.96
N GLU C 95 33.21 7.26 14.95
CA GLU C 95 33.21 5.81 14.98
C GLU C 95 31.84 5.19 14.71
N ASN C 96 30.77 5.93 14.88
CA ASN C 96 29.41 5.46 14.66
C ASN C 96 29.20 5.23 13.17
N PRO C 97 29.14 3.98 12.69
CA PRO C 97 29.38 3.70 11.27
C PRO C 97 28.29 4.17 10.31
N PHE C 98 27.23 4.79 10.78
CA PHE C 98 26.21 5.34 9.89
C PHE C 98 26.42 6.85 9.82
N VAL D 52 -8.53 49.53 -14.00
CA VAL D 52 -7.19 49.34 -13.43
C VAL D 52 -7.27 48.16 -12.45
N ALA D 53 -8.46 47.92 -11.92
CA ALA D 53 -8.63 46.90 -10.89
C ALA D 53 -8.70 45.47 -11.44
N PHE D 54 -8.85 45.30 -12.76
CA PHE D 54 -8.93 43.95 -13.31
C PHE D 54 -7.66 43.11 -13.13
N PRO D 55 -6.44 43.58 -13.45
CA PRO D 55 -5.28 42.74 -13.15
C PRO D 55 -5.05 42.54 -11.66
N ILE D 56 -5.42 43.52 -10.83
CA ILE D 56 -5.30 43.37 -9.38
C ILE D 56 -6.21 42.26 -8.88
N THR D 57 -7.43 42.20 -9.41
CA THR D 57 -8.37 41.16 -9.00
C THR D 57 -7.94 39.79 -9.52
N MET D 58 -7.56 39.73 -10.77
CA MET D 58 -7.22 38.43 -11.31
C MET D 58 -5.89 37.92 -10.77
N LEU D 59 -5.04 38.81 -10.23
CA LEU D 59 -3.84 38.34 -9.56
C LEU D 59 -4.17 37.65 -8.23
N LEU D 60 -4.84 38.38 -7.33
CA LEU D 60 -5.04 37.87 -5.99
C LEU D 60 -6.07 36.73 -5.96
N THR D 61 -7.11 36.81 -6.80
CA THR D 61 -8.10 35.74 -6.83
C THR D 61 -7.51 34.46 -7.40
N GLY D 62 -6.72 34.56 -8.47
CA GLY D 62 -6.05 33.38 -9.00
C GLY D 62 -5.01 32.81 -8.05
N PHE D 63 -4.29 33.69 -7.34
CA PHE D 63 -3.32 33.25 -6.35
C PHE D 63 -3.98 32.51 -5.18
N VAL D 64 -5.08 33.04 -4.66
CA VAL D 64 -5.75 32.39 -3.53
C VAL D 64 -6.49 31.15 -4.01
N GLY D 65 -6.82 31.09 -5.30
CA GLY D 65 -7.39 29.87 -5.84
C GLY D 65 -6.38 28.76 -5.96
N ASN D 66 -5.18 29.07 -6.48
CA ASN D 66 -4.21 28.04 -6.78
C ASN D 66 -3.18 27.81 -5.68
N ALA D 67 -3.24 28.55 -4.58
CA ALA D 67 -2.40 28.19 -3.45
C ALA D 67 -2.92 26.94 -2.75
N LEU D 68 -4.23 26.89 -2.64
CA LEU D 68 -4.88 25.88 -1.94
C LEU D 68 -4.54 24.51 -2.46
N ALA D 69 -4.77 24.31 -3.73
CA ALA D 69 -4.59 23.07 -4.37
C ALA D 69 -3.16 22.58 -4.27
N MET D 70 -2.17 23.48 -4.35
CA MET D 70 -0.80 23.08 -4.21
C MET D 70 -0.59 22.54 -2.83
N LEU D 71 -1.15 23.19 -1.82
CA LEU D 71 -0.96 22.66 -0.52
C LEU D 71 -1.65 21.33 -0.39
N LEU D 72 -2.93 21.26 -0.78
CA LEU D 72 -3.73 20.03 -0.59
C LEU D 72 -3.14 18.89 -1.34
N VAL D 73 -2.74 19.10 -2.55
CA VAL D 73 -2.21 18.04 -3.32
C VAL D 73 -0.91 17.52 -2.84
N SER D 74 -0.09 18.40 -2.32
CA SER D 74 1.21 17.99 -1.94
C SER D 74 1.23 16.92 -0.88
N ARG D 75 0.39 17.08 0.14
CA ARG D 75 0.43 16.10 1.20
C ARG D 75 0.06 14.67 0.86
N SER D 76 -1.03 14.51 0.17
CA SER D 76 -1.56 13.21 -0.06
C SER D 76 -0.75 12.24 -0.87
N LYS D 86 -1.48 8.33 -6.90
CA LYS D 86 -2.29 7.98 -8.06
C LYS D 86 -1.74 8.67 -9.31
N SER D 87 -2.28 8.30 -10.47
CA SER D 87 -1.94 8.95 -11.73
C SER D 87 -2.82 10.16 -12.02
N PHE D 88 -3.40 10.74 -10.98
CA PHE D 88 -4.24 11.93 -11.09
C PHE D 88 -3.73 13.09 -10.26
N LEU D 89 -3.10 12.82 -9.11
CA LEU D 89 -2.62 13.91 -8.27
C LEU D 89 -1.44 14.63 -8.90
N LEU D 90 -0.59 13.92 -9.63
CA LEU D 90 0.52 14.60 -10.29
C LEU D 90 0.03 15.41 -11.48
N CYS D 91 -0.99 14.93 -12.18
CA CYS D 91 -1.46 15.61 -13.38
C CYS D 91 -2.52 16.65 -13.05
N ILE D 92 -2.88 16.81 -11.77
CA ILE D 92 -3.52 18.03 -11.30
C ILE D 92 -2.53 18.95 -10.61
N GLY D 93 -1.45 18.44 -10.03
CA GLY D 93 -0.40 19.27 -9.49
C GLY D 93 0.37 20.02 -10.57
N TRP D 94 0.66 19.35 -11.68
CA TRP D 94 1.36 20.01 -12.77
C TRP D 94 0.45 20.94 -13.55
N LEU D 95 -0.86 20.78 -13.43
CA LEU D 95 -1.77 21.81 -13.91
C LEU D 95 -1.76 23.01 -12.97
N ALA D 96 -1.78 22.74 -11.66
CA ALA D 96 -1.84 23.81 -10.67
C ALA D 96 -0.56 24.67 -10.68
N LEU D 97 0.60 24.02 -10.77
CA LEU D 97 1.88 24.72 -10.76
C LEU D 97 2.04 25.59 -11.99
N THR D 98 1.78 25.01 -13.18
CA THR D 98 1.85 25.78 -14.41
C THR D 98 0.83 26.91 -14.42
N ASP D 99 -0.35 26.65 -13.87
CA ASP D 99 -1.41 27.66 -13.82
C ASP D 99 -1.03 28.83 -12.92
N LEU D 100 -0.37 28.56 -11.79
CA LEU D 100 0.05 29.63 -10.90
C LEU D 100 1.24 30.39 -11.44
N VAL D 101 2.21 29.67 -12.02
CA VAL D 101 3.40 30.31 -12.56
C VAL D 101 3.05 31.20 -13.74
N GLY D 102 2.08 30.79 -14.56
CA GLY D 102 1.59 31.65 -15.62
C GLY D 102 0.82 32.86 -15.13
N GLN D 103 0.47 32.92 -13.82
CA GLN D 103 -0.23 34.04 -13.22
C GLN D 103 0.74 34.93 -12.45
N LEU D 104 1.92 34.35 -12.11
CA LEU D 104 2.91 35.12 -11.37
C LEU D 104 3.92 35.79 -12.29
N LEU D 105 4.15 35.22 -13.47
CA LEU D 105 5.14 35.72 -14.41
C LEU D 105 4.58 36.72 -15.41
N THR D 106 3.29 37.00 -15.35
CA THR D 106 2.62 37.80 -16.38
C THR D 106 1.95 39.05 -15.84
N THR D 107 1.38 38.95 -14.64
CA THR D 107 0.66 40.04 -13.98
C THR D 107 1.51 41.19 -13.44
N PRO D 108 2.75 40.90 -13.00
CA PRO D 108 3.59 41.97 -12.46
C PRO D 108 3.90 43.05 -13.49
N VAL D 109 4.14 42.67 -14.74
CA VAL D 109 4.46 43.63 -15.79
C VAL D 109 3.32 44.62 -16.05
N VAL D 110 2.09 44.14 -16.05
CA VAL D 110 0.93 44.99 -16.29
C VAL D 110 0.60 45.86 -15.08
N ILE D 111 0.64 45.24 -13.90
CA ILE D 111 0.37 45.89 -12.66
C ILE D 111 1.39 47.03 -12.57
N VAL D 112 2.67 46.75 -12.89
CA VAL D 112 3.66 47.81 -13.00
C VAL D 112 3.40 48.70 -14.19
N VAL D 113 3.14 48.16 -15.37
CA VAL D 113 2.98 49.04 -16.55
C VAL D 113 1.93 50.09 -16.46
N TYR D 114 0.86 49.83 -15.75
CA TYR D 114 -0.05 50.95 -15.65
C TYR D 114 -0.23 51.68 -14.38
N LEU D 115 0.79 51.58 -13.59
CA LEU D 115 0.81 52.50 -12.48
C LEU D 115 1.20 53.87 -13.07
N SER D 116 2.22 53.77 -13.90
CA SER D 116 2.98 54.75 -14.59
C SER D 116 2.36 55.63 -15.58
N LYS D 117 1.46 55.07 -16.34
CA LYS D 117 0.82 55.75 -17.47
C LYS D 117 1.65 56.26 -18.63
N GLN D 118 2.41 55.36 -19.26
CA GLN D 118 3.11 55.68 -20.48
C GLN D 118 3.00 54.57 -21.56
N ARG D 119 3.16 54.89 -22.83
CA ARG D 119 3.14 53.89 -23.87
C ARG D 119 4.27 52.85 -23.87
N TRP D 120 3.85 51.60 -23.91
CA TRP D 120 4.69 50.40 -23.94
C TRP D 120 5.87 50.57 -24.89
N GLU D 121 5.67 51.27 -26.01
CA GLU D 121 6.76 51.52 -26.94
C GLU D 121 7.81 52.45 -26.35
N HIS D 122 7.41 53.31 -25.41
CA HIS D 122 8.38 54.19 -24.75
C HIS D 122 9.25 53.40 -23.77
N ILE D 123 8.64 52.53 -22.98
CA ILE D 123 9.37 51.80 -21.95
C ILE D 123 10.29 50.75 -22.57
N ASP D 124 9.81 50.05 -23.60
CA ASP D 124 10.61 49.02 -24.28
C ASP D 124 10.86 49.44 -25.73
N PRO D 125 12.02 50.01 -26.03
CA PRO D 125 12.47 50.11 -27.41
C PRO D 125 13.10 48.81 -27.87
N SER D 126 13.14 48.64 -29.19
CA SER D 126 13.69 47.47 -29.87
C SER D 126 12.76 46.26 -29.85
N GLY D 127 11.61 46.33 -29.18
CA GLY D 127 10.61 45.28 -29.23
C GLY D 127 11.01 43.93 -28.64
N ARG D 128 11.60 43.93 -27.45
CA ARG D 128 11.93 42.67 -26.79
C ARG D 128 10.93 42.28 -25.71
N LEU D 129 10.42 43.26 -24.95
CA LEU D 129 9.55 42.93 -23.82
C LEU D 129 8.18 42.46 -24.30
N CYS D 130 7.69 42.99 -25.42
CA CYS D 130 6.47 42.46 -26.03
C CYS D 130 6.71 41.07 -26.60
N THR D 131 7.91 40.83 -27.13
CA THR D 131 8.26 39.49 -27.59
C THR D 131 8.36 38.52 -26.42
N PHE D 132 8.75 39.01 -25.25
CA PHE D 132 8.69 38.19 -24.04
C PHE D 132 7.24 37.93 -23.63
N PHE D 133 6.41 38.96 -23.68
CA PHE D 133 5.03 38.84 -23.20
C PHE D 133 4.09 38.29 -24.25
N GLY D 134 4.50 38.23 -25.51
CA GLY D 134 3.75 37.54 -26.53
C GLY D 134 4.07 36.07 -26.63
N LEU D 135 5.00 35.58 -25.86
CA LEU D 135 5.30 34.16 -25.98
C LEU D 135 4.88 33.46 -24.71
N THR D 136 4.97 34.20 -23.61
CA THR D 136 4.51 33.66 -22.37
C THR D 136 3.07 33.27 -22.36
N MET D 137 2.17 34.12 -22.94
CA MET D 137 0.72 33.97 -22.88
C MET D 137 0.32 32.80 -23.69
N THR D 138 0.94 32.68 -24.86
CA THR D 138 0.67 31.53 -25.70
C THR D 138 1.14 30.33 -24.91
N VAL D 139 2.42 30.30 -24.52
CA VAL D 139 2.96 29.12 -23.83
C VAL D 139 2.20 28.76 -22.56
N PHE D 140 2.06 29.66 -21.61
CA PHE D 140 1.41 29.27 -20.36
C PHE D 140 -0.08 29.05 -20.57
N GLY D 141 -0.70 29.87 -21.40
CA GLY D 141 -2.09 29.69 -21.71
C GLY D 141 -2.55 28.51 -22.46
N LEU D 142 -1.82 28.02 -23.45
CA LEU D 142 -2.27 26.87 -24.25
C LEU D 142 -2.07 25.58 -23.49
N SER D 143 -0.94 25.46 -22.80
CA SER D 143 -0.65 24.28 -21.99
C SER D 143 -1.80 23.80 -21.17
N SER D 144 -2.46 24.78 -20.62
CA SER D 144 -3.53 24.51 -19.74
C SER D 144 -4.65 23.78 -20.45
N LEU D 145 -4.98 24.13 -21.66
CA LEU D 145 -5.90 23.36 -22.39
C LEU D 145 -5.31 21.96 -22.66
N PHE D 146 -3.99 21.88 -22.81
CA PHE D 146 -3.34 20.61 -23.05
C PHE D 146 -3.01 19.78 -21.79
N ILE D 147 -3.56 20.24 -20.67
CA ILE D 147 -3.44 19.57 -19.39
C ILE D 147 -4.84 19.07 -19.10
N ALA D 148 -5.83 19.82 -19.59
CA ALA D 148 -7.22 19.46 -19.48
C ALA D 148 -7.51 18.39 -20.52
N SER D 149 -6.97 18.52 -21.73
CA SER D 149 -7.23 17.48 -22.67
C SER D 149 -6.64 16.14 -22.34
N ALA D 150 -5.46 16.08 -21.76
CA ALA D 150 -4.79 14.83 -21.53
C ALA D 150 -5.49 14.07 -20.52
N MET D 151 -5.92 14.80 -19.50
CA MET D 151 -6.68 14.22 -18.40
C MET D 151 -7.97 13.62 -18.96
N ALA D 152 -8.62 14.33 -19.87
CA ALA D 152 -9.81 13.83 -20.42
C ALA D 152 -9.58 12.61 -21.23
N VAL D 153 -8.53 12.53 -22.04
CA VAL D 153 -8.38 11.30 -22.82
C VAL D 153 -8.12 10.11 -21.96
N GLU D 154 -7.37 10.32 -20.87
CA GLU D 154 -7.11 9.25 -19.93
C GLU D 154 -8.41 8.79 -19.28
N ARG D 155 -9.33 9.69 -18.92
CA ARG D 155 -10.63 9.31 -18.29
C ARG D 155 -11.46 8.60 -19.24
N ALA D 156 -11.27 8.81 -20.52
CA ALA D 156 -11.97 7.89 -21.38
C ALA D 156 -11.34 6.55 -21.40
N LEU D 157 -10.02 6.44 -21.52
CA LEU D 157 -9.38 5.12 -21.63
C LEU D 157 -9.78 4.18 -20.50
N ALA D 158 -9.87 4.68 -19.28
CA ALA D 158 -10.25 3.90 -18.11
C ALA D 158 -11.56 3.17 -18.39
N ILE D 159 -12.65 3.90 -18.55
CA ILE D 159 -13.88 3.20 -18.87
C ILE D 159 -13.94 2.51 -20.20
N ARG D 160 -13.46 3.01 -21.30
CA ARG D 160 -13.58 2.22 -22.54
C ARG D 160 -12.72 0.99 -22.69
N ALA D 161 -11.45 0.95 -22.26
CA ALA D 161 -10.65 -0.30 -22.31
C ALA D 161 -10.06 -0.59 -20.95
N PRO D 162 -10.85 -1.15 -20.03
CA PRO D 162 -10.70 -1.25 -18.61
C PRO D 162 -9.46 -1.85 -18.15
N HIS D 163 -8.98 -2.91 -18.81
CA HIS D 163 -7.66 -3.49 -18.48
CA HIS D 163 -7.67 -3.51 -18.49
C HIS D 163 -6.28 -2.91 -19.05
N TRP D 164 -6.41 -2.37 -20.26
CA TRP D 164 -5.25 -1.74 -20.82
C TRP D 164 -4.74 -0.67 -20.00
N TYR D 165 -5.55 -0.05 -19.23
CA TYR D 165 -5.08 0.97 -18.38
C TYR D 165 -4.23 0.47 -17.25
N ALA D 166 -4.50 -0.69 -16.69
CA ALA D 166 -3.61 -1.16 -15.61
C ALA D 166 -2.15 -1.55 -15.97
N SER D 167 -1.96 -2.35 -17.01
CA SER D 167 -0.64 -2.76 -17.33
C SER D 167 0.29 -1.66 -17.82
N HIS D 168 -0.19 -0.84 -18.74
CA HIS D 168 0.55 0.22 -19.39
C HIS D 168 0.52 1.71 -18.90
N MET D 169 -0.04 2.16 -17.78
CA MET D 169 0.07 3.58 -17.41
C MET D 169 0.28 3.86 -15.95
N LYS D 170 1.39 3.34 -15.43
CA LYS D 170 1.80 3.48 -14.03
C LYS D 170 2.78 4.60 -13.64
N THR D 171 2.42 5.86 -13.81
CA THR D 171 3.23 7.07 -13.44
C THR D 171 4.54 7.28 -14.16
N ARG D 172 4.75 6.57 -15.23
CA ARG D 172 5.96 6.67 -16.02
C ARG D 172 5.61 7.12 -17.40
N ALA D 173 4.40 7.64 -17.50
CA ALA D 173 3.87 8.28 -18.66
C ALA D 173 3.01 9.49 -18.20
N THR D 174 3.01 9.78 -16.89
CA THR D 174 2.38 10.98 -16.26
C THR D 174 3.51 12.01 -15.86
N ARG D 175 4.65 11.77 -16.47
CA ARG D 175 5.84 12.56 -16.49
C ARG D 175 6.40 12.42 -17.90
N ALA D 176 5.62 12.07 -18.88
CA ALA D 176 6.12 11.91 -20.19
C ALA D 176 5.34 12.76 -21.18
N VAL D 177 4.13 12.34 -21.55
CA VAL D 177 3.27 13.11 -22.42
C VAL D 177 2.94 14.48 -21.75
N LEU D 178 2.71 14.50 -20.44
CA LEU D 178 2.49 15.71 -19.66
C LEU D 178 3.65 16.71 -19.65
N LEU D 179 4.88 16.22 -19.71
CA LEU D 179 6.06 17.10 -19.77
C LEU D 179 6.63 17.06 -21.17
N GLY D 180 5.75 16.88 -22.10
CA GLY D 180 5.98 16.86 -23.52
C GLY D 180 4.95 17.84 -24.13
N VAL D 181 3.89 18.17 -23.37
CA VAL D 181 2.86 19.10 -23.81
C VAL D 181 3.50 20.44 -23.92
N TRP D 182 4.30 20.78 -22.91
CA TRP D 182 5.04 22.00 -23.00
C TRP D 182 5.93 21.98 -24.26
N LEU D 183 6.64 20.92 -24.60
CA LEU D 183 7.49 20.95 -25.83
C LEU D 183 6.73 21.10 -27.14
N ALA D 184 5.60 20.41 -27.21
CA ALA D 184 4.81 20.48 -28.44
C ALA D 184 4.35 21.91 -28.64
N VAL D 185 3.86 22.50 -27.53
CA VAL D 185 3.34 23.87 -27.44
C VAL D 185 4.40 24.88 -27.80
N LEU D 186 5.64 24.59 -27.43
CA LEU D 186 6.72 25.55 -27.65
C LEU D 186 7.42 25.50 -28.99
N ALA D 187 7.24 24.44 -29.78
CA ALA D 187 7.98 24.49 -31.07
C ALA D 187 7.07 25.22 -31.98
N PHE D 188 6.30 26.15 -31.43
CA PHE D 188 5.35 26.93 -32.20
C PHE D 188 5.33 28.39 -31.73
N ALA D 189 5.55 28.58 -30.43
CA ALA D 189 5.56 29.93 -29.85
C ALA D 189 6.83 30.68 -30.25
N LEU D 190 7.90 29.94 -30.51
CA LEU D 190 9.16 30.55 -30.90
C LEU D 190 9.29 30.72 -32.41
N LEU D 191 8.19 30.69 -33.16
CA LEU D 191 8.26 30.99 -34.59
C LEU D 191 8.41 32.49 -34.89
N PRO D 192 7.80 33.44 -34.16
CA PRO D 192 8.24 34.83 -34.30
C PRO D 192 9.67 35.07 -33.86
N VAL D 193 10.25 34.19 -33.03
CA VAL D 193 11.67 34.29 -32.71
C VAL D 193 12.54 33.92 -33.90
N LEU D 194 11.98 33.23 -34.90
CA LEU D 194 12.72 32.85 -36.11
C LEU D 194 12.22 33.55 -37.37
N GLY D 195 11.23 34.43 -37.27
CA GLY D 195 10.88 35.30 -38.37
C GLY D 195 9.50 35.13 -38.96
N VAL D 196 8.66 34.22 -38.48
CA VAL D 196 7.31 34.04 -39.00
C VAL D 196 6.33 34.43 -37.91
N GLY D 197 5.44 35.37 -38.23
CA GLY D 197 4.53 35.92 -37.25
C GLY D 197 5.18 37.02 -36.43
N GLN D 198 4.34 37.72 -35.67
CA GLN D 198 4.82 38.85 -34.88
C GLN D 198 3.90 39.07 -33.70
N TYR D 199 4.46 39.07 -32.50
CA TYR D 199 3.73 39.45 -31.29
C TYR D 199 3.79 40.97 -31.18
N THR D 200 2.64 41.62 -31.32
CA THR D 200 2.54 43.07 -31.23
C THR D 200 1.63 43.47 -30.08
N VAL D 201 1.68 44.76 -29.78
CA VAL D 201 0.95 45.35 -28.67
C VAL D 201 -0.46 45.67 -29.14
N GLN D 202 -1.47 45.32 -28.35
CA GLN D 202 -2.85 45.52 -28.79
C GLN D 202 -3.47 46.83 -28.34
N TRP D 203 -4.81 46.89 -28.34
CA TRP D 203 -5.50 48.14 -28.00
C TRP D 203 -5.27 48.68 -26.58
N PRO D 204 -5.28 47.81 -25.55
CA PRO D 204 -5.02 48.39 -24.23
C PRO D 204 -3.61 48.99 -24.11
N GLY D 205 -2.61 48.32 -24.69
CA GLY D 205 -1.25 48.82 -24.62
C GLY D 205 -0.50 48.18 -23.49
N THR D 206 -0.96 47.02 -23.02
CA THR D 206 -0.32 46.33 -21.90
C THR D 206 0.02 44.87 -22.21
N TRP D 207 -0.61 44.30 -23.24
CA TRP D 207 -0.37 42.91 -23.58
C TRP D 207 -0.16 42.79 -25.09
N CYS D 208 0.08 41.55 -25.54
CA CYS D 208 0.59 41.32 -26.89
C CYS D 208 0.02 40.03 -27.46
N PHE D 209 -0.33 40.05 -28.75
CA PHE D 209 -0.70 38.83 -29.50
C PHE D 209 -0.35 38.99 -30.97
N ILE D 210 -0.92 38.13 -31.77
CA ILE D 210 -0.48 37.91 -33.13
C ILE D 210 -0.97 39.07 -34.00
N SER D 211 -0.07 39.61 -34.82
CA SER D 211 -0.43 40.67 -35.75
C SER D 211 -1.39 40.14 -36.81
N THR D 212 -2.22 41.03 -37.34
CA THR D 212 -3.21 40.67 -38.34
C THR D 212 -2.69 40.80 -39.77
N GLY D 213 -1.43 41.20 -39.95
CA GLY D 213 -0.85 41.34 -41.27
C GLY D 213 -1.37 42.54 -42.03
N GLY D 226 3.10 35.84 -44.37
CA GLY D 226 3.03 34.46 -43.93
C GLY D 226 2.45 34.39 -42.54
N ASN D 227 2.16 35.53 -41.94
CA ASN D 227 1.68 35.60 -40.57
C ASN D 227 0.40 34.94 -40.29
N LEU D 228 -0.48 34.89 -41.26
CA LEU D 228 -1.75 34.22 -41.11
C LEU D 228 -1.54 32.76 -40.81
N PHE D 229 -0.55 32.11 -41.41
CA PHE D 229 -0.25 30.76 -41.11
C PHE D 229 0.08 30.62 -39.64
N PHE D 230 0.70 31.60 -39.02
CA PHE D 230 0.80 31.51 -37.59
C PHE D 230 -0.55 31.85 -36.99
N ALA D 231 -1.35 32.73 -37.52
CA ALA D 231 -2.61 33.10 -36.87
C ALA D 231 -3.67 32.02 -37.07
N SER D 232 -3.75 31.43 -38.26
CA SER D 232 -4.69 30.36 -38.49
C SER D 232 -4.26 29.04 -37.84
N ALA D 233 -2.96 28.79 -37.73
CA ALA D 233 -2.49 27.59 -37.07
C ALA D 233 -2.74 27.65 -35.57
N PHE D 234 -2.70 28.85 -34.97
CA PHE D 234 -3.10 28.97 -33.57
C PHE D 234 -4.55 28.59 -33.37
N ALA D 235 -5.45 29.04 -34.24
CA ALA D 235 -6.86 28.69 -34.12
C ALA D 235 -7.07 27.20 -34.33
N PHE D 236 -6.38 26.61 -35.32
CA PHE D 236 -6.51 25.18 -35.58
C PHE D 236 -6.01 24.35 -34.39
N LEU D 237 -4.84 24.70 -33.85
CA LEU D 237 -4.26 23.92 -32.78
C LEU D 237 -4.94 24.21 -31.44
N GLY D 238 -5.66 25.33 -31.32
CA GLY D 238 -6.47 25.54 -30.15
C GLY D 238 -7.85 24.95 -30.25
N LEU D 239 -8.13 24.40 -31.42
CA LEU D 239 -9.37 23.75 -31.60
C LEU D 239 -9.23 22.30 -31.26
N LEU D 240 -8.06 21.72 -31.54
CA LEU D 240 -7.81 20.33 -31.20
C LEU D 240 -8.14 20.06 -29.76
N ALA D 241 -7.62 20.87 -28.83
CA ALA D 241 -7.82 20.63 -27.47
C ALA D 241 -9.26 20.66 -27.07
N LEU D 242 -9.96 21.71 -27.47
CA LEU D 242 -11.39 21.82 -27.18
C LEU D 242 -12.21 20.66 -27.75
N THR D 243 -11.90 20.26 -28.97
CA THR D 243 -12.64 19.19 -29.62
C THR D 243 -12.37 17.87 -28.92
N VAL D 244 -11.09 17.59 -28.67
CA VAL D 244 -10.72 16.35 -28.01
C VAL D 244 -11.47 16.25 -26.69
N THR D 245 -11.44 17.32 -25.90
CA THR D 245 -12.14 17.33 -24.63
C THR D 245 -13.61 16.96 -24.79
N PHE D 246 -14.31 17.61 -25.70
CA PHE D 246 -15.74 17.35 -25.83
C PHE D 246 -16.01 15.94 -26.31
N SER D 247 -15.21 15.44 -27.24
CA SER D 247 -15.40 14.12 -27.70
C SER D 247 -15.20 13.15 -26.59
N CYS D 248 -14.14 13.33 -25.81
CA CYS D 248 -13.85 12.39 -24.76
C CYS D 248 -14.90 12.32 -23.69
N ASN D 249 -15.43 13.47 -23.25
CA ASN D 249 -16.48 13.34 -22.32
C ASN D 249 -17.71 12.75 -22.86
N LEU D 250 -18.13 13.10 -24.06
CA LEU D 250 -19.31 12.42 -24.53
C LEU D 250 -19.12 10.94 -24.73
N ALA D 251 -17.95 10.52 -25.20
CA ALA D 251 -17.71 9.12 -25.42
C ALA D 251 -17.77 8.42 -24.10
N THR D 252 -17.05 8.95 -23.12
CA THR D 252 -17.10 8.38 -21.77
C THR D 252 -18.53 8.32 -21.23
N ILE D 253 -19.28 9.42 -21.36
CA ILE D 253 -20.63 9.46 -20.78
C ILE D 253 -21.53 8.42 -21.42
N LYS D 254 -21.49 8.33 -22.75
CA LYS D 254 -22.34 7.39 -23.46
C LYS D 254 -22.03 5.96 -23.02
N ALA D 255 -20.75 5.64 -22.92
CA ALA D 255 -20.35 4.30 -22.52
C ALA D 255 -20.84 4.03 -21.10
N LEU D 256 -20.72 5.02 -20.22
CA LEU D 256 -21.15 4.85 -18.84
C LEU D 256 -22.65 4.60 -18.71
N VAL D 257 -23.45 5.34 -19.48
CA VAL D 257 -24.91 5.18 -19.39
C VAL D 257 -25.33 3.82 -19.91
N SER D 258 -24.86 3.44 -21.09
CA SER D 258 -25.19 2.14 -21.66
C SER D 258 -24.76 1.00 -20.77
N ARG D 259 -23.58 1.13 -20.16
CA ARG D 259 -23.09 0.12 -19.21
C ARG D 259 -23.93 0.06 -17.94
N CYS D 260 -24.66 1.13 -17.62
CA CYS D 260 -25.53 1.16 -16.45
C CYS D 260 -26.99 0.88 -16.79
N ARG D 261 -27.36 0.97 -18.06
CA ARG D 261 -28.75 0.79 -18.46
C ARG D 261 -29.17 -0.68 -18.41
N ALA D 262 -28.29 -1.58 -18.84
CA ALA D 262 -28.60 -3.01 -18.88
C ALA D 262 -28.23 -3.70 -17.58
N LYS D 263 -28.65 -3.20 -16.45
CA LYS D 263 -28.51 -4.00 -15.24
C LYS D 263 -29.88 -4.59 -14.94
N ALA D 264 -29.98 -5.37 -13.87
CA ALA D 264 -31.24 -6.01 -13.53
C ALA D 264 -31.33 -6.36 -12.07
N ALA D 271 -27.99 -1.37 -7.37
CA ALA D 271 -27.56 -0.33 -8.29
C ALA D 271 -26.92 0.79 -7.57
N GLN D 272 -25.64 0.65 -7.39
CA GLN D 272 -24.87 1.63 -6.75
C GLN D 272 -23.88 2.06 -7.73
N TRP D 273 -23.94 1.44 -8.88
CA TRP D 273 -23.18 1.87 -10.04
C TRP D 273 -23.89 3.12 -10.59
N GLY D 274 -25.19 3.27 -10.29
CA GLY D 274 -25.93 4.46 -10.64
C GLY D 274 -25.42 5.71 -9.98
N ARG D 275 -25.08 5.68 -8.72
CA ARG D 275 -24.53 6.86 -8.12
C ARG D 275 -23.22 7.30 -8.81
N ILE D 276 -22.48 6.35 -9.36
CA ILE D 276 -21.27 6.70 -10.09
C ILE D 276 -21.70 7.59 -11.25
N THR D 277 -22.77 7.21 -11.95
CA THR D 277 -23.19 8.00 -13.08
C THR D 277 -23.58 9.40 -12.66
N THR D 278 -24.35 9.59 -11.60
CA THR D 278 -24.65 10.99 -11.24
C THR D 278 -23.42 11.83 -10.87
N GLU D 279 -22.52 11.27 -10.08
CA GLU D 279 -21.37 12.04 -9.67
C GLU D 279 -20.50 12.39 -10.85
N THR D 280 -20.13 11.41 -11.65
CA THR D 280 -19.35 11.70 -12.86
C THR D 280 -20.06 12.68 -13.80
N ALA D 281 -21.36 12.54 -13.99
CA ALA D 281 -22.08 13.38 -14.96
C ALA D 281 -21.95 14.78 -14.56
N ILE D 282 -22.13 15.04 -13.29
CA ILE D 282 -21.95 16.39 -12.88
C ILE D 282 -20.57 16.90 -13.02
N GLN D 283 -19.58 16.07 -12.69
CA GLN D 283 -18.20 16.51 -12.77
C GLN D 283 -17.52 16.37 -14.13
N LEU D 284 -18.29 16.10 -15.18
CA LEU D 284 -17.65 15.94 -16.48
C LEU D 284 -18.45 16.77 -17.36
N MET D 285 -19.35 17.50 -16.76
CA MET D 285 -20.04 18.56 -17.50
C MET D 285 -19.61 19.95 -17.07
N GLY D 286 -19.15 20.10 -15.83
CA GLY D 286 -18.49 21.34 -15.44
C GLY D 286 -17.25 21.61 -16.30
N ILE D 287 -16.44 20.58 -16.53
CA ILE D 287 -15.29 20.69 -17.43
C ILE D 287 -15.74 21.05 -18.84
N MET D 288 -16.82 20.45 -19.30
CA MET D 288 -17.29 20.72 -20.66
C MET D 288 -17.93 22.09 -20.82
N CYS D 289 -18.38 22.71 -19.73
CA CYS D 289 -18.98 24.04 -19.80
C CYS D 289 -17.96 25.16 -19.59
N VAL D 290 -16.98 24.97 -18.70
CA VAL D 290 -15.94 25.98 -18.50
C VAL D 290 -15.11 26.18 -19.76
N LEU D 291 -14.74 25.10 -20.44
CA LEU D 291 -13.97 25.22 -21.68
C LEU D 291 -14.82 25.60 -22.88
N SER D 292 -16.05 26.06 -22.69
CA SER D 292 -16.83 26.67 -23.76
C SER D 292 -17.47 27.98 -23.34
N VAL D 293 -17.32 28.40 -22.08
CA VAL D 293 -17.62 29.78 -21.73
C VAL D 293 -16.38 30.66 -21.84
N CYS D 294 -15.18 30.09 -21.74
CA CYS D 294 -13.94 30.86 -21.67
C CYS D 294 -13.20 30.89 -23.00
N TRP D 295 -12.84 29.73 -23.55
CA TRP D 295 -12.13 29.68 -24.82
C TRP D 295 -13.05 29.59 -26.02
N SER D 296 -14.28 30.01 -25.89
CA SER D 296 -15.12 30.15 -27.07
C SER D 296 -14.85 31.44 -27.86
N PRO D 297 -14.92 32.65 -27.27
CA PRO D 297 -14.87 33.85 -28.12
C PRO D 297 -13.51 34.09 -28.75
N LEU D 298 -12.43 33.84 -27.99
CA LEU D 298 -11.08 34.09 -28.49
C LEU D 298 -10.77 33.24 -29.71
N LEU D 299 -11.24 31.99 -29.71
CA LEU D 299 -11.05 31.14 -30.87
C LEU D 299 -12.02 31.46 -32.01
N ILE D 300 -13.25 31.90 -31.71
CA ILE D 300 -14.15 32.11 -32.84
C ILE D 300 -13.87 33.42 -33.55
N MET D 301 -13.40 34.46 -32.85
CA MET D 301 -13.17 35.72 -33.56
C MET D 301 -11.87 35.70 -34.36
N MET D 302 -10.88 34.90 -33.95
CA MET D 302 -9.59 34.93 -34.64
C MET D 302 -9.68 34.36 -36.05
N LEU D 303 -10.56 33.39 -36.27
CA LEU D 303 -10.76 32.87 -37.63
C LEU D 303 -11.39 33.92 -38.52
N LYS D 304 -12.29 34.73 -37.98
CA LYS D 304 -12.85 35.84 -38.76
C LYS D 304 -11.83 36.93 -38.99
N MET D 305 -10.93 37.15 -38.03
CA MET D 305 -9.89 38.16 -38.20
C MET D 305 -8.88 37.73 -39.25
N ILE D 306 -8.62 36.43 -39.35
CA ILE D 306 -7.79 35.91 -40.44
C ILE D 306 -8.54 36.04 -41.76
N PHE D 307 -9.85 35.82 -41.74
CA PHE D 307 -10.66 35.91 -42.95
C PHE D 307 -11.21 37.33 -43.13
N CYS D 325 -13.61 46.32 -32.06
CA CYS D 325 -12.70 47.18 -31.31
C CYS D 325 -12.51 46.70 -29.88
N ASN D 326 -13.61 46.68 -29.11
CA ASN D 326 -13.51 46.43 -27.67
C ASN D 326 -13.61 44.95 -27.36
N PHE D 327 -14.24 44.18 -28.27
CA PHE D 327 -14.53 42.75 -28.11
C PHE D 327 -13.27 41.96 -27.76
N PHE D 328 -12.21 42.20 -28.52
CA PHE D 328 -10.95 41.48 -28.33
C PHE D 328 -10.41 41.69 -26.93
N LEU D 329 -10.65 42.88 -26.35
CA LEU D 329 -10.21 43.17 -24.99
C LEU D 329 -10.83 42.21 -23.98
N ILE D 330 -12.12 41.90 -24.13
CA ILE D 330 -12.70 41.00 -23.16
C ILE D 330 -12.29 39.56 -23.46
N ALA D 331 -11.79 39.30 -24.67
CA ALA D 331 -11.52 37.93 -25.10
C ALA D 331 -10.38 37.30 -24.30
N VAL D 332 -9.47 38.12 -23.80
CA VAL D 332 -8.41 37.61 -22.95
C VAL D 332 -8.80 37.69 -21.48
N ARG D 333 -9.73 38.48 -21.05
CA ARG D 333 -10.14 38.36 -19.65
C ARG D 333 -10.95 37.04 -19.55
N LEU D 334 -11.84 36.72 -20.51
CA LEU D 334 -12.53 35.44 -20.37
C LEU D 334 -11.53 34.28 -20.39
N ALA D 335 -10.62 34.28 -21.36
CA ALA D 335 -9.71 33.15 -21.58
C ALA D 335 -8.65 33.02 -20.50
N SER D 336 -8.53 33.99 -19.60
CA SER D 336 -7.72 33.81 -18.41
C SER D 336 -8.53 33.45 -17.19
N LEU D 337 -9.84 33.73 -17.20
CA LEU D 337 -10.70 33.37 -16.08
C LEU D 337 -10.80 31.86 -15.89
N ASN D 338 -10.68 31.09 -16.99
CA ASN D 338 -10.59 29.64 -16.91
C ASN D 338 -9.40 29.26 -16.03
N GLN D 339 -8.29 29.99 -16.17
CA GLN D 339 -7.11 29.73 -15.35
C GLN D 339 -7.36 30.00 -13.89
N ILE D 340 -8.25 30.89 -13.60
CA ILE D 340 -8.51 31.21 -12.25
C ILE D 340 -9.27 30.04 -11.78
N LEU D 341 -10.34 29.70 -12.49
CA LEU D 341 -11.22 28.60 -12.09
C LEU D 341 -10.70 27.19 -12.36
N ASP D 342 -9.60 27.06 -13.09
CA ASP D 342 -9.07 25.74 -13.40
C ASP D 342 -8.70 25.00 -12.12
N PRO D 343 -8.06 25.71 -11.18
CA PRO D 343 -7.65 25.17 -9.88
C PRO D 343 -8.85 24.77 -9.03
N TRP D 344 -9.95 25.52 -9.14
CA TRP D 344 -11.16 25.23 -8.36
C TRP D 344 -11.99 24.03 -8.82
N VAL D 345 -12.33 23.96 -10.10
CA VAL D 345 -13.21 22.89 -10.56
C VAL D 345 -12.71 21.46 -10.43
N TYR D 346 -11.43 21.22 -10.68
CA TYR D 346 -10.92 19.85 -10.68
C TYR D 346 -10.75 19.17 -9.33
N LEU D 347 -10.41 19.92 -8.28
CA LEU D 347 -10.15 19.32 -7.01
C LEU D 347 -10.59 20.20 -5.89
N LEU D 348 -11.65 20.95 -5.96
CA LEU D 348 -12.03 21.79 -4.85
C LEU D 348 -13.52 21.91 -4.53
N LEU D 349 -14.30 22.45 -5.43
CA LEU D 349 -15.69 22.69 -5.22
C LEU D 349 -16.46 21.41 -4.90
N ARG D 350 -16.10 20.30 -5.51
CA ARG D 350 -16.67 19.07 -5.08
C ARG D 350 -16.31 18.88 -3.58
N LYS D 351 -15.06 19.03 -3.14
CA LYS D 351 -14.73 18.84 -1.73
C LYS D 351 -15.42 19.93 -0.93
N ILE D 352 -15.42 21.15 -1.46
CA ILE D 352 -16.02 22.30 -0.86
C ILE D 352 -17.51 22.13 -0.59
N LEU D 353 -18.25 21.44 -1.46
CA LEU D 353 -19.68 21.34 -1.28
C LEU D 353 -20.29 20.09 -1.77
#